data_9ERQ
#
_entry.id   9ERQ
#
_cell.length_a   107.240
_cell.length_b   107.290
_cell.length_c   98.430
_cell.angle_alpha   90.00
_cell.angle_beta   90.00
_cell.angle_gamma   90.00
#
_symmetry.space_group_name_H-M   'P 21 21 2'
#
loop_
_entity.id
_entity.type
_entity.pdbx_description
1 polymer 'Acyclic terpene utilization AtuA family protein'
2 polymer 'DUF4387 domain-containing protein'
3 non-polymer 'PHOSPHOAMINOPHOSPHONIC ACID-ADENYLATE ESTER'
4 non-polymer 'MAGNESIUM ION'
5 non-polymer '(2~{S})-2-methyl-2-oxidanyl-butanedioic acid'
6 non-polymer '2-(N-MORPHOLINO)-ETHANESULFONIC ACID'
7 non-polymer 'CHLORIDE ION'
8 non-polymer '(2S)-2-HYDROXYPENTANEDIOIC ACID'
9 water water
#
loop_
_entity_poly.entity_id
_entity_poly.type
_entity_poly.pdbx_seq_one_letter_code
_entity_poly.pdbx_strand_id
1 'polypeptide(L)'
;MARTFKILSPTAILGYGFPEESFRKAMEASPDLIAVDAGSSDPGPHYLGAGKPFTDRAGVKRDLRYMIVAGVKNNIPVVI
GTAGGSGAAPHLEWCRQIIHEIAQEEKLSFSMALIPSDVDKAIVHQALDNGKITALDFVPELTHEAIEESTYIVAQMGIE
PFQRALAAGAQVVLGGRAYDPACFAALPIMQGFDEGLALHCGKILECAAIAATPGSGSDCAMGIIDDSGFTLKAFNPKRK
FTETSAAAHTLYEKSDPYFLPGPGGVLNLKGCTFKAVNEGEVYVSGSRHEATPYALKLEGARRVGFRCLTIAGTRDPIMI
AGIDNILEEVQTSVARNLSLNDDSIRMTFHLYGKNGVMGNHEPMKTAGHELGILLDVVAPTQDIANSVCSLVRSTLLHYG
YENRIATAGNLAFPFSPSDIQSGPVYEFSIYHLIEASDALRFDFHIEQVTPEGVQA
;
A,C
2 'polypeptide(L)'
;MKQSLCSLAQVIRSKNAGPYELVLDILFKTREDYQRVKRSEQLTPQLIAGLYNVKPDFIHRIIWFDPANAVKIVMPRDII
SGNVGDNDVYGAQQHAPLLSIEFDF
;
B,D
#
# COMPACT_ATOMS: atom_id res chain seq x y z
N MET A 1 -25.41 47.21 -14.61
CA MET A 1 -24.44 47.99 -13.78
C MET A 1 -24.55 47.61 -12.30
N ALA A 2 -24.71 46.32 -12.03
CA ALA A 2 -25.07 45.83 -10.70
C ALA A 2 -23.96 46.09 -9.68
N ARG A 3 -24.38 46.30 -8.42
CA ARG A 3 -23.46 46.65 -7.34
C ARG A 3 -22.98 45.43 -6.54
N THR A 4 -23.41 44.21 -6.87
CA THR A 4 -22.84 43.02 -6.26
C THR A 4 -22.43 42.06 -7.37
N PHE A 5 -21.49 41.18 -7.04
CA PHE A 5 -21.08 40.12 -7.94
C PHE A 5 -21.01 38.83 -7.14
N LYS A 6 -21.81 37.85 -7.54
CA LYS A 6 -21.99 36.62 -6.78
C LYS A 6 -21.28 35.46 -7.48
N ILE A 7 -20.41 34.78 -6.75
CA ILE A 7 -19.61 33.67 -7.28
C ILE A 7 -19.95 32.41 -6.53
N LEU A 8 -20.32 31.37 -7.27
CA LEU A 8 -20.54 30.04 -6.71
C LEU A 8 -19.32 29.16 -6.99
N SER A 9 -18.71 28.65 -5.92
CA SER A 9 -17.67 27.63 -6.00
C SER A 9 -18.23 26.31 -5.50
N PRO A 10 -18.46 25.32 -6.36
CA PRO A 10 -19.24 24.16 -5.92
C PRO A 10 -18.49 23.14 -5.08
N THR A 11 -17.16 23.08 -5.20
CA THR A 11 -16.40 22.00 -4.59
C THR A 11 -14.93 22.43 -4.59
N ALA A 12 -14.13 21.79 -3.73
CA ALA A 12 -12.76 22.26 -3.53
C ALA A 12 -11.88 21.98 -4.75
N ILE A 13 -12.10 20.83 -5.40
CA ILE A 13 -11.46 20.46 -6.66
C ILE A 13 -12.55 19.80 -7.49
N LEU A 14 -12.71 20.25 -8.74
CA LEU A 14 -13.68 19.64 -9.63
C LEU A 14 -13.46 18.14 -9.65
N GLY A 15 -14.54 17.40 -9.40
CA GLY A 15 -14.47 15.96 -9.25
C GLY A 15 -14.69 15.47 -7.83
N TYR A 16 -14.41 16.30 -6.83
CA TYR A 16 -14.57 15.88 -5.44
C TYR A 16 -16.03 15.74 -5.02
N GLY A 17 -16.98 16.30 -5.78
CA GLY A 17 -18.39 16.15 -5.51
C GLY A 17 -18.93 17.21 -4.57
N PHE A 18 -20.23 17.12 -4.33
CA PHE A 18 -20.95 18.05 -3.48
C PHE A 18 -22.38 17.53 -3.34
N PRO A 19 -23.10 17.92 -2.27
CA PRO A 19 -24.50 17.51 -2.15
C PRO A 19 -25.35 18.22 -3.20
N GLU A 20 -26.20 17.46 -3.88
CA GLU A 20 -27.09 18.05 -4.86
C GLU A 20 -27.92 19.17 -4.24
N GLU A 21 -28.32 19.03 -2.97
CA GLU A 21 -29.17 20.04 -2.37
C GLU A 21 -28.41 21.33 -2.10
N SER A 22 -27.13 21.23 -1.77
CA SER A 22 -26.31 22.42 -1.62
C SER A 22 -26.21 23.18 -2.93
N PHE A 23 -25.99 22.46 -4.02
CA PHE A 23 -25.86 23.11 -5.33
C PHE A 23 -27.18 23.76 -5.73
N ARG A 24 -28.29 23.09 -5.49
CA ARG A 24 -29.59 23.65 -5.87
C ARG A 24 -29.87 24.91 -5.07
N LYS A 25 -29.58 24.90 -3.77
CA LYS A 25 -29.77 26.09 -2.94
C LYS A 25 -28.86 27.21 -3.40
N ALA A 26 -27.63 26.88 -3.78
CA ALA A 26 -26.72 27.92 -4.27
C ALA A 26 -27.25 28.55 -5.55
N MET A 27 -27.81 27.74 -6.46
CA MET A 27 -28.32 28.30 -7.70
C MET A 27 -29.52 29.19 -7.45
N GLU A 28 -30.28 28.93 -6.37
CA GLU A 28 -31.39 29.82 -6.04
C GLU A 28 -30.91 31.21 -5.67
N ALA A 29 -29.64 31.35 -5.30
CA ALA A 29 -29.06 32.66 -5.00
C ALA A 29 -28.66 33.41 -6.26
N SER A 30 -28.84 32.81 -7.44
CA SER A 30 -28.60 33.47 -8.72
C SER A 30 -27.17 33.97 -8.83
N PRO A 31 -26.20 33.06 -8.92
CA PRO A 31 -24.81 33.49 -9.11
C PRO A 31 -24.63 34.20 -10.46
N ASP A 32 -23.67 35.12 -10.46
CA ASP A 32 -23.18 35.72 -11.70
C ASP A 32 -22.08 34.90 -12.34
N LEU A 33 -21.57 33.90 -11.64
CA LEU A 33 -20.45 33.12 -12.12
C LEU A 33 -20.46 31.80 -11.36
N ILE A 34 -20.27 30.70 -12.09
CA ILE A 34 -19.97 29.40 -11.50
C ILE A 34 -18.52 29.13 -11.83
N ALA A 35 -17.67 29.01 -10.82
CA ALA A 35 -16.25 28.84 -11.06
C ALA A 35 -15.74 27.75 -10.15
N VAL A 36 -14.70 27.07 -10.61
CA VAL A 36 -14.13 25.99 -9.82
C VAL A 36 -12.67 25.80 -10.18
N ASP A 37 -11.90 25.40 -9.17
CA ASP A 37 -10.55 24.89 -9.39
C ASP A 37 -10.63 23.43 -9.75
N ALA A 38 -9.92 23.04 -10.79
CA ALA A 38 -9.83 21.65 -11.17
C ALA A 38 -8.48 21.02 -10.92
N GLY A 39 -7.52 21.74 -10.31
CA GLY A 39 -6.24 21.07 -10.09
C GLY A 39 -5.31 21.76 -9.12
N SER A 40 -4.20 21.09 -8.88
CA SER A 40 -3.29 21.39 -7.78
C SER A 40 -1.95 20.70 -8.00
N SER A 41 -0.89 21.24 -7.37
CA SER A 41 0.39 20.54 -7.27
C SER A 41 0.52 19.71 -6.02
N ASP A 42 -0.34 19.90 -5.02
CA ASP A 42 -0.20 19.20 -3.74
C ASP A 42 -0.25 17.68 -3.85
N PRO A 43 -0.96 17.06 -4.80
CA PRO A 43 -0.92 15.59 -4.91
C PRO A 43 0.42 15.04 -5.40
N GLY A 44 1.37 15.91 -5.72
CA GLY A 44 2.71 15.51 -6.06
C GLY A 44 2.91 15.47 -7.55
N PRO A 45 4.14 15.15 -7.95
CA PRO A 45 4.58 15.36 -9.34
C PRO A 45 4.15 14.29 -10.31
N HIS A 46 3.58 13.19 -9.85
CA HIS A 46 3.21 12.14 -10.79
C HIS A 46 2.23 12.63 -11.83
N TYR A 47 1.29 13.45 -11.41
CA TYR A 47 0.13 13.73 -12.26
C TYR A 47 0.49 14.64 -13.42
N LEU A 48 1.24 15.72 -13.14
CA LEU A 48 1.80 16.51 -14.23
C LEU A 48 2.80 15.70 -15.05
N GLY A 49 3.68 14.96 -14.37
CA GLY A 49 4.76 14.31 -15.08
C GLY A 49 4.28 13.23 -16.03
N ALA A 50 3.32 12.42 -15.58
CA ALA A 50 2.78 11.32 -16.38
C ALA A 50 1.59 11.74 -17.23
N GLY A 51 1.11 12.97 -17.09
CA GLY A 51 -0.04 13.38 -17.87
C GLY A 51 -1.35 12.77 -17.42
N LYS A 52 -1.54 12.55 -16.10
CA LYS A 52 -2.69 11.82 -15.60
C LYS A 52 -3.47 12.68 -14.61
N PRO A 53 -4.78 12.41 -14.48
CA PRO A 53 -5.60 13.12 -13.48
C PRO A 53 -5.43 12.54 -12.08
N PHE A 54 -5.45 13.40 -11.06
CA PHE A 54 -5.60 12.93 -9.68
C PHE A 54 -7.06 12.83 -9.25
N THR A 55 -7.98 13.37 -10.05
CA THR A 55 -9.40 13.26 -9.81
C THR A 55 -9.96 12.15 -10.69
N ASP A 56 -11.20 11.78 -10.45
CA ASP A 56 -11.79 10.64 -11.11
C ASP A 56 -12.69 11.10 -12.25
N ARG A 57 -12.58 10.45 -13.41
CA ARG A 57 -13.36 10.88 -14.55
C ARG A 57 -14.85 10.87 -14.27
N ALA A 58 -15.36 9.85 -13.58
CA ALA A 58 -16.80 9.82 -13.30
C ALA A 58 -17.21 10.95 -12.36
N GLY A 59 -16.36 11.26 -11.39
CA GLY A 59 -16.67 12.35 -10.47
C GLY A 59 -16.62 13.69 -11.17
N VAL A 60 -15.61 13.91 -12.01
CA VAL A 60 -15.53 15.18 -12.74
C VAL A 60 -16.75 15.33 -13.64
N LYS A 61 -17.14 14.25 -14.32
CA LYS A 61 -18.29 14.32 -15.21
C LYS A 61 -19.56 14.60 -14.42
N ARG A 62 -19.72 13.93 -13.28
CA ARG A 62 -20.89 14.15 -12.44
C ARG A 62 -20.98 15.61 -12.01
N ASP A 63 -19.87 16.16 -11.52
CA ASP A 63 -19.88 17.54 -11.05
C ASP A 63 -20.13 18.51 -12.20
N LEU A 64 -19.46 18.31 -13.33
CA LEU A 64 -19.65 19.20 -14.49
C LEU A 64 -21.06 19.14 -15.03
N ARG A 65 -21.73 17.99 -14.93
CA ARG A 65 -23.10 17.93 -15.44
C ARG A 65 -23.96 18.97 -14.73
N TYR A 66 -23.84 19.03 -13.41
CA TYR A 66 -24.60 20.05 -12.69
C TYR A 66 -24.21 21.45 -13.14
N MET A 67 -22.91 21.72 -13.23
CA MET A 67 -22.42 23.08 -13.47
C MET A 67 -22.79 23.56 -14.86
N ILE A 68 -22.54 22.73 -15.87
CA ILE A 68 -22.76 23.15 -17.25
C ILE A 68 -24.25 23.27 -17.54
N VAL A 69 -25.05 22.31 -17.08
CA VAL A 69 -26.49 22.45 -17.25
C VAL A 69 -26.95 23.76 -16.65
N ALA A 70 -26.48 24.07 -15.44
CA ALA A 70 -26.98 25.25 -14.74
C ALA A 70 -26.48 26.53 -15.42
N GLY A 71 -25.23 26.54 -15.85
CA GLY A 71 -24.70 27.76 -16.47
C GLY A 71 -25.39 28.03 -17.80
N VAL A 72 -25.54 27.01 -18.62
CA VAL A 72 -26.16 27.19 -19.92
C VAL A 72 -27.62 27.57 -19.77
N LYS A 73 -28.34 26.89 -18.89
CA LYS A 73 -29.77 27.19 -18.70
C LYS A 73 -29.98 28.63 -18.28
N ASN A 74 -29.12 29.16 -17.39
CA ASN A 74 -29.33 30.45 -16.76
C ASN A 74 -28.46 31.54 -17.34
N ASN A 75 -27.72 31.27 -18.42
CA ASN A 75 -26.79 32.21 -19.03
C ASN A 75 -25.82 32.79 -18.00
N ILE A 76 -25.17 31.89 -17.27
CA ILE A 76 -24.17 32.20 -16.26
C ILE A 76 -22.85 31.58 -16.74
N PRO A 77 -21.78 32.33 -16.91
N PRO A 77 -21.77 32.35 -16.88
CA PRO A 77 -20.52 31.71 -17.34
CA PRO A 77 -20.50 31.74 -17.30
C PRO A 77 -20.04 30.68 -16.32
C PRO A 77 -19.97 30.71 -16.30
N VAL A 78 -19.38 29.65 -16.84
CA VAL A 78 -18.73 28.60 -16.06
C VAL A 78 -17.24 28.67 -16.36
N VAL A 79 -16.41 28.86 -15.34
CA VAL A 79 -14.98 29.07 -15.51
C VAL A 79 -14.23 28.02 -14.69
N ILE A 80 -13.30 27.33 -15.33
CA ILE A 80 -12.56 26.21 -14.74
C ILE A 80 -11.07 26.50 -14.90
N GLY A 81 -10.30 26.42 -13.82
CA GLY A 81 -8.86 26.53 -13.88
C GLY A 81 -8.16 25.19 -13.66
N THR A 82 -6.98 25.04 -14.22
CA THR A 82 -6.18 23.83 -14.08
C THR A 82 -7.01 22.58 -14.45
N ALA A 83 -7.58 22.62 -15.65
CA ALA A 83 -8.39 21.51 -16.15
C ALA A 83 -7.66 20.18 -15.98
N GLY A 84 -8.40 19.16 -15.57
CA GLY A 84 -7.89 17.81 -15.59
C GLY A 84 -6.91 17.48 -14.52
N GLY A 85 -6.83 18.29 -13.46
CA GLY A 85 -5.95 18.01 -12.34
C GLY A 85 -4.63 18.73 -12.36
N SER A 86 -3.98 18.76 -13.52
CA SER A 86 -2.67 19.41 -13.61
C SER A 86 -2.59 20.44 -14.71
N GLY A 87 -3.55 20.50 -15.62
CA GLY A 87 -3.63 21.59 -16.55
C GLY A 87 -2.63 21.61 -17.68
N ALA A 88 -1.96 20.50 -17.97
CA ALA A 88 -1.15 20.38 -19.18
C ALA A 88 -2.04 19.90 -20.33
N ALA A 89 -1.46 19.81 -21.53
CA ALA A 89 -2.24 19.45 -22.71
C ALA A 89 -3.06 18.19 -22.53
N PRO A 90 -2.53 17.09 -21.98
CA PRO A 90 -3.40 15.90 -21.87
C PRO A 90 -4.50 16.10 -20.87
N HIS A 91 -4.25 16.85 -19.79
CA HIS A 91 -5.28 17.07 -18.79
C HIS A 91 -6.41 17.92 -19.35
N LEU A 92 -6.05 18.96 -20.13
CA LEU A 92 -7.04 19.83 -20.77
C LEU A 92 -7.90 19.02 -21.72
N GLU A 93 -7.26 18.18 -22.55
CA GLU A 93 -7.99 17.37 -23.51
C GLU A 93 -8.92 16.38 -22.81
N TRP A 94 -8.43 15.77 -21.74
CA TRP A 94 -9.26 14.86 -20.96
C TRP A 94 -10.53 15.55 -20.48
N CYS A 95 -10.39 16.74 -19.93
CA CYS A 95 -11.57 17.44 -19.41
C CYS A 95 -12.46 17.92 -20.54
N ARG A 96 -11.86 18.34 -21.65
CA ARG A 96 -12.64 18.75 -22.81
C ARG A 96 -13.55 17.63 -23.30
N GLN A 97 -13.03 16.39 -23.36
CA GLN A 97 -13.85 15.29 -23.84
C GLN A 97 -15.02 15.01 -22.91
N ILE A 98 -14.80 15.12 -21.59
CA ILE A 98 -15.90 14.98 -20.64
C ILE A 98 -16.99 15.98 -20.97
N ILE A 99 -16.61 17.23 -21.25
CA ILE A 99 -17.59 18.28 -21.51
C ILE A 99 -18.36 17.97 -22.79
N HIS A 100 -17.68 17.50 -23.83
CA HIS A 100 -18.39 17.12 -25.05
C HIS A 100 -19.43 16.05 -24.76
N GLU A 101 -19.09 15.06 -23.92
CA GLU A 101 -20.04 14.00 -23.62
C GLU A 101 -21.24 14.55 -22.88
N ILE A 102 -21.03 15.48 -21.95
CA ILE A 102 -22.17 16.09 -21.28
C ILE A 102 -23.08 16.80 -22.28
N ALA A 103 -22.50 17.54 -23.22
CA ALA A 103 -23.31 18.25 -24.22
C ALA A 103 -24.12 17.28 -25.05
N GLN A 104 -23.53 16.13 -25.40
CA GLN A 104 -24.27 15.12 -26.16
C GLN A 104 -25.41 14.53 -25.31
N GLU A 105 -25.13 14.21 -24.06
CA GLU A 105 -26.13 13.56 -23.22
C GLU A 105 -27.24 14.51 -22.81
N GLU A 106 -26.92 15.77 -22.55
CA GLU A 106 -27.90 16.74 -22.08
C GLU A 106 -28.48 17.57 -23.20
N LYS A 107 -28.04 17.32 -24.44
CA LYS A 107 -28.56 17.98 -25.63
C LYS A 107 -28.34 19.49 -25.57
N LEU A 108 -27.12 19.88 -25.20
CA LEU A 108 -26.79 21.29 -25.06
C LEU A 108 -25.87 21.77 -26.17
N SER A 109 -25.99 23.04 -26.51
CA SER A 109 -25.05 23.73 -27.37
C SER A 109 -24.58 24.97 -26.63
N PHE A 110 -23.28 25.26 -26.75
CA PHE A 110 -22.68 26.40 -26.07
C PHE A 110 -21.27 26.61 -26.62
N SER A 111 -20.78 27.84 -26.49
CA SER A 111 -19.39 28.12 -26.83
C SER A 111 -18.48 27.78 -25.67
N MET A 112 -17.31 27.24 -25.99
CA MET A 112 -16.31 26.88 -24.99
C MET A 112 -14.94 27.36 -25.42
N ALA A 113 -14.29 28.14 -24.54
CA ALA A 113 -12.92 28.57 -24.77
C ALA A 113 -11.99 27.57 -24.12
N LEU A 114 -10.92 27.21 -24.82
CA LEU A 114 -9.83 26.41 -24.28
C LEU A 114 -8.61 27.29 -24.16
N ILE A 115 -7.96 27.27 -23.00
CA ILE A 115 -6.78 28.11 -22.79
C ILE A 115 -5.61 27.24 -22.37
N PRO A 116 -4.78 26.78 -23.29
CA PRO A 116 -3.66 25.93 -22.90
C PRO A 116 -2.58 26.71 -22.16
N SER A 117 -1.91 26.01 -21.24
CA SER A 117 -0.85 26.58 -20.40
C SER A 117 0.50 25.93 -20.64
N ASP A 118 0.62 25.07 -21.64
CA ASP A 118 1.88 24.42 -21.92
C ASP A 118 2.92 25.41 -22.41
N VAL A 119 4.17 25.18 -22.01
CA VAL A 119 5.30 26.01 -22.40
C VAL A 119 6.35 25.12 -23.05
N ASP A 120 6.74 25.46 -24.28
CA ASP A 120 7.76 24.69 -24.98
C ASP A 120 9.11 24.82 -24.28
N LYS A 121 9.82 23.70 -24.22
CA LYS A 121 11.14 23.68 -23.58
C LYS A 121 12.07 24.75 -24.15
N ALA A 122 11.96 25.05 -25.44
CA ALA A 122 12.87 26.02 -26.03
C ALA A 122 12.72 27.38 -25.38
N ILE A 123 11.49 27.75 -25.03
CA ILE A 123 11.26 29.04 -24.37
C ILE A 123 11.94 29.08 -23.01
N VAL A 124 11.84 27.97 -22.28
CA VAL A 124 12.45 27.90 -20.95
C VAL A 124 13.98 27.91 -21.06
N HIS A 125 14.52 27.12 -21.99
CA HIS A 125 15.96 27.14 -22.22
C HIS A 125 16.45 28.57 -22.53
N GLN A 126 15.75 29.25 -23.44
CA GLN A 126 16.16 30.61 -23.81
C GLN A 126 16.07 31.55 -22.61
N ALA A 127 14.99 31.45 -21.84
CA ALA A 127 14.82 32.32 -20.68
C ALA A 127 15.90 32.08 -19.64
N LEU A 128 16.27 30.82 -19.41
CA LEU A 128 17.33 30.53 -18.47
C LEU A 128 18.61 31.24 -18.90
N ASP A 129 18.97 31.12 -20.17
CA ASP A 129 20.20 31.73 -20.66
C ASP A 129 20.14 33.25 -20.62
N ASN A 130 18.95 33.83 -20.73
CA ASN A 130 18.78 35.28 -20.75
C ASN A 130 18.57 35.87 -19.35
N GLY A 131 18.68 35.05 -18.32
CA GLY A 131 18.58 35.53 -16.96
C GLY A 131 17.18 35.87 -16.52
N LYS A 132 16.17 35.23 -17.12
CA LYS A 132 14.78 35.56 -16.86
C LYS A 132 14.09 34.53 -15.96
N ILE A 133 14.83 33.59 -15.39
CA ILE A 133 14.28 32.55 -14.52
C ILE A 133 14.72 32.84 -13.09
N THR A 134 13.79 32.69 -12.16
CA THR A 134 14.05 32.87 -10.73
C THR A 134 13.49 31.70 -9.95
N ALA A 135 14.32 31.06 -9.13
CA ALA A 135 13.82 29.99 -8.27
C ALA A 135 12.96 30.57 -7.14
N LEU A 136 11.87 29.86 -6.83
CA LEU A 136 11.10 30.19 -5.63
C LEU A 136 11.86 29.74 -4.38
N ASP A 137 11.32 30.05 -3.20
CA ASP A 137 12.08 29.78 -1.98
C ASP A 137 12.40 28.29 -1.86
N PHE A 138 13.66 27.98 -1.53
CA PHE A 138 14.17 26.65 -1.29
C PHE A 138 14.25 25.78 -2.54
N VAL A 139 13.97 26.32 -3.72
CA VAL A 139 14.00 25.53 -4.96
C VAL A 139 15.42 25.56 -5.51
N PRO A 140 15.95 24.44 -5.99
CA PRO A 140 17.28 24.44 -6.60
C PRO A 140 17.32 25.31 -7.85
N GLU A 141 18.51 25.82 -8.16
CA GLU A 141 18.67 26.58 -9.39
C GLU A 141 18.38 25.70 -10.60
N LEU A 142 17.71 26.27 -11.60
CA LEU A 142 17.34 25.51 -12.78
C LEU A 142 18.55 25.32 -13.68
N THR A 143 18.63 24.13 -14.29
CA THR A 143 19.65 23.83 -15.27
C THR A 143 19.01 23.42 -16.59
N HIS A 144 19.81 23.49 -17.66
CA HIS A 144 19.32 23.02 -18.95
C HIS A 144 18.99 21.55 -18.91
N GLU A 145 19.78 20.75 -18.19
CA GLU A 145 19.49 19.32 -18.10
C GLU A 145 18.13 19.07 -17.44
N ALA A 146 17.81 19.80 -16.37
CA ALA A 146 16.51 19.63 -15.72
C ALA A 146 15.36 20.01 -16.66
N ILE A 147 15.53 21.07 -17.45
CA ILE A 147 14.50 21.44 -18.41
C ILE A 147 14.30 20.32 -19.42
N GLU A 148 15.41 19.81 -19.97
CA GLU A 148 15.33 18.85 -21.06
C GLU A 148 14.75 17.54 -20.60
N GLU A 149 15.03 17.12 -19.36
CA GLU A 149 14.54 15.85 -18.86
C GLU A 149 13.14 15.93 -18.24
N SER A 150 12.56 17.12 -18.14
CA SER A 150 11.18 17.25 -17.71
C SER A 150 10.26 16.74 -18.81
N THR A 151 9.03 16.44 -18.44
CA THR A 151 8.00 16.11 -19.43
C THR A 151 7.18 17.37 -19.74
N TYR A 152 5.92 17.40 -19.37
CA TYR A 152 5.07 18.57 -19.56
C TYR A 152 5.51 19.72 -18.67
N ILE A 153 5.66 20.89 -19.26
CA ILE A 153 5.94 22.12 -18.52
C ILE A 153 4.73 23.03 -18.70
N VAL A 154 4.23 23.56 -17.60
CA VAL A 154 3.06 24.42 -17.63
C VAL A 154 3.33 25.69 -16.85
N ALA A 155 2.64 26.76 -17.23
CA ALA A 155 2.70 28.03 -16.50
C ALA A 155 1.34 28.32 -15.86
N GLN A 156 1.34 28.85 -14.63
CA GLN A 156 0.07 29.18 -13.97
C GLN A 156 -0.41 30.55 -14.45
N MET A 157 -1.44 30.55 -15.30
CA MET A 157 -1.94 31.80 -15.83
C MET A 157 -2.67 32.61 -14.76
N GLY A 158 -2.71 33.92 -15.00
CA GLY A 158 -3.48 34.83 -14.18
C GLY A 158 -4.86 35.13 -14.72
N ILE A 159 -5.38 36.31 -14.36
CA ILE A 159 -6.76 36.60 -14.72
C ILE A 159 -6.91 36.92 -16.20
N GLU A 160 -5.87 37.43 -16.84
CA GLU A 160 -6.07 38.13 -18.12
C GLU A 160 -6.48 37.18 -19.23
N PRO A 161 -5.92 35.97 -19.32
CA PRO A 161 -6.41 35.06 -20.39
C PRO A 161 -7.87 34.70 -20.23
N PHE A 162 -8.29 34.46 -18.98
CA PHE A 162 -9.70 34.21 -18.73
C PHE A 162 -10.56 35.39 -19.17
N GLN A 163 -10.10 36.63 -18.86
CA GLN A 163 -10.83 37.83 -19.26
C GLN A 163 -11.00 37.92 -20.77
N ARG A 164 -9.94 37.60 -21.52
CA ARG A 164 -10.05 37.67 -22.97
C ARG A 164 -11.05 36.65 -23.50
N ALA A 165 -11.04 35.44 -22.93
CA ALA A 165 -11.99 34.42 -23.37
C ALA A 165 -13.42 34.83 -23.05
N LEU A 166 -13.64 35.36 -21.85
CA LEU A 166 -14.97 35.81 -21.46
C LEU A 166 -15.45 36.95 -22.35
N ALA A 167 -14.56 37.90 -22.66
CA ALA A 167 -14.93 39.04 -23.49
C ALA A 167 -15.28 38.60 -24.90
N ALA A 168 -14.78 37.46 -25.35
CA ALA A 168 -15.09 36.93 -26.67
C ALA A 168 -16.41 36.17 -26.68
N GLY A 169 -17.07 36.08 -25.53
CA GLY A 169 -18.39 35.51 -25.45
C GLY A 169 -18.44 34.06 -24.99
N ALA A 170 -17.32 33.48 -24.55
CA ALA A 170 -17.32 32.08 -24.18
C ALA A 170 -18.28 31.85 -23.03
N GLN A 171 -19.13 30.83 -23.15
CA GLN A 171 -20.07 30.46 -22.10
C GLN A 171 -19.43 29.52 -21.09
N VAL A 172 -18.46 28.73 -21.52
CA VAL A 172 -17.66 27.87 -20.65
C VAL A 172 -16.22 28.16 -20.97
N VAL A 173 -15.41 28.43 -19.95
CA VAL A 173 -14.00 28.70 -20.13
C VAL A 173 -13.24 27.59 -19.45
N LEU A 174 -12.53 26.81 -20.25
CA LEU A 174 -11.75 25.67 -19.76
C LEU A 174 -10.27 26.04 -19.82
N GLY A 175 -9.73 26.45 -18.68
CA GLY A 175 -8.34 26.87 -18.62
C GLY A 175 -7.42 25.73 -18.25
N GLY A 176 -6.21 25.76 -18.83
CA GLY A 176 -5.13 24.92 -18.37
C GLY A 176 -4.62 25.44 -17.03
N ARG A 177 -3.39 25.04 -16.68
CA ARG A 177 -2.86 25.38 -15.37
C ARG A 177 -3.06 26.87 -15.08
N ALA A 178 -3.56 27.18 -13.89
CA ALA A 178 -3.96 28.54 -13.54
C ALA A 178 -3.70 28.79 -12.07
N TYR A 179 -3.41 30.04 -11.75
CA TYR A 179 -3.39 30.50 -10.38
C TYR A 179 -4.81 30.43 -9.83
N ASP A 180 -4.99 29.63 -8.77
CA ASP A 180 -6.32 29.19 -8.34
C ASP A 180 -7.24 30.34 -8.19
N PRO A 181 -6.89 31.61 -7.49
CA PRO A 181 -7.85 32.73 -7.32
C PRO A 181 -8.29 33.34 -8.63
N ALA A 182 -7.48 33.21 -9.69
CA ALA A 182 -7.78 33.88 -10.93
C ALA A 182 -9.07 33.37 -11.59
N CYS A 183 -9.34 32.08 -11.43
N CYS A 183 -9.37 32.08 -11.50
CA CYS A 183 -10.55 31.49 -11.96
CA CYS A 183 -10.59 31.66 -12.19
C CYS A 183 -11.77 32.27 -11.52
C CYS A 183 -11.85 32.21 -11.53
N PHE A 184 -11.77 32.66 -10.26
CA PHE A 184 -12.89 33.29 -9.58
C PHE A 184 -12.89 34.78 -9.81
N ALA A 185 -11.71 35.39 -9.85
CA ALA A 185 -11.64 36.84 -9.82
C ALA A 185 -11.68 37.50 -11.19
N ALA A 186 -11.36 36.77 -12.25
CA ALA A 186 -11.22 37.38 -13.58
C ALA A 186 -12.45 38.16 -13.98
N LEU A 187 -13.61 37.53 -13.93
CA LEU A 187 -14.83 38.18 -14.39
C LEU A 187 -15.21 39.37 -13.52
N PRO A 188 -15.30 39.26 -12.18
CA PRO A 188 -15.67 40.49 -11.45
C PRO A 188 -14.70 41.64 -11.68
N ILE A 189 -13.41 41.35 -11.82
CA ILE A 189 -12.45 42.44 -12.05
C ILE A 189 -12.75 43.14 -13.37
N MET A 190 -13.02 42.37 -14.43
CA MET A 190 -13.28 43.04 -15.70
C MET A 190 -14.61 43.78 -15.69
N GLN A 191 -15.50 43.46 -14.75
CA GLN A 191 -16.75 44.20 -14.57
C GLN A 191 -16.58 45.38 -13.62
N GLY A 192 -15.36 45.64 -13.13
CA GLY A 192 -15.10 46.84 -12.36
C GLY A 192 -15.04 46.64 -10.87
N PHE A 193 -15.19 45.41 -10.37
CA PHE A 193 -15.08 45.18 -8.94
C PHE A 193 -13.61 45.23 -8.52
N ASP A 194 -13.39 45.52 -7.25
CA ASP A 194 -12.04 45.79 -6.77
C ASP A 194 -11.15 44.55 -6.90
N GLU A 195 -9.93 44.77 -7.38
N GLU A 195 -9.92 44.77 -7.35
CA GLU A 195 -9.02 43.65 -7.61
CA GLU A 195 -9.01 43.66 -7.61
C GLU A 195 -8.64 42.98 -6.31
C GLU A 195 -8.57 42.98 -6.32
N GLY A 196 -8.32 43.77 -5.28
CA GLY A 196 -7.92 43.18 -4.02
C GLY A 196 -9.02 42.33 -3.43
N LEU A 197 -10.24 42.87 -3.40
CA LEU A 197 -11.36 42.10 -2.87
C LEU A 197 -11.64 40.87 -3.72
N ALA A 198 -11.57 41.02 -5.05
CA ALA A 198 -11.90 39.90 -5.92
C ALA A 198 -10.88 38.78 -5.80
N LEU A 199 -9.60 39.11 -5.76
CA LEU A 199 -8.57 38.08 -5.63
C LEU A 199 -8.59 37.45 -4.24
N HIS A 200 -8.84 38.23 -3.20
CA HIS A 200 -8.93 37.62 -1.87
C HIS A 200 -10.16 36.73 -1.77
N CYS A 201 -11.28 37.19 -2.33
CA CYS A 201 -12.47 36.34 -2.40
C CYS A 201 -12.18 35.05 -3.14
N GLY A 202 -11.48 35.13 -4.28
CA GLY A 202 -11.09 33.92 -4.99
C GLY A 202 -10.19 33.01 -4.19
N LYS A 203 -9.29 33.58 -3.40
N LYS A 203 -9.28 33.60 -3.41
CA LYS A 203 -8.42 32.73 -2.59
CA LYS A 203 -8.41 32.80 -2.54
C LYS A 203 -9.20 32.05 -1.47
C LYS A 203 -9.22 32.04 -1.50
N ILE A 204 -10.25 32.68 -0.96
CA ILE A 204 -11.08 32.00 0.04
C ILE A 204 -12.02 30.98 -0.60
N LEU A 205 -12.52 31.24 -1.83
CA LEU A 205 -13.44 30.35 -2.53
C LEU A 205 -12.74 29.21 -3.25
N GLU A 206 -11.39 29.27 -3.29
N GLU A 206 -11.43 29.27 -3.47
CA GLU A 206 -10.58 28.37 -4.10
CA GLU A 206 -10.84 28.26 -4.34
C GLU A 206 -10.81 26.92 -3.73
C GLU A 206 -10.90 26.85 -3.77
N CYS A 207 -11.20 26.69 -2.49
CA CYS A 207 -11.42 25.36 -1.93
C CYS A 207 -12.85 25.20 -1.43
N ALA A 208 -13.76 26.04 -1.90
CA ALA A 208 -15.18 25.95 -1.54
C ALA A 208 -15.33 25.80 -0.03
N ALA A 209 -16.02 24.76 0.43
CA ALA A 209 -16.33 24.63 1.85
C ALA A 209 -15.19 24.18 2.74
N ILE A 210 -13.95 24.05 2.24
CA ILE A 210 -12.84 23.90 3.19
C ILE A 210 -12.72 25.16 4.06
N ALA A 211 -13.17 26.31 3.54
CA ALA A 211 -13.16 27.57 4.28
C ALA A 211 -14.33 27.74 5.24
N ALA A 212 -15.32 26.85 5.21
CA ALA A 212 -16.43 26.82 6.14
C ALA A 212 -16.10 25.89 7.29
N THR A 213 -17.01 25.81 8.28
CA THR A 213 -16.81 24.94 9.44
C THR A 213 -18.14 24.31 9.85
N PRO A 214 -18.15 23.00 10.12
CA PRO A 214 -17.07 22.04 9.83
C PRO A 214 -16.75 22.06 8.35
N GLY A 215 -15.47 21.91 8.04
CA GLY A 215 -15.03 21.97 6.67
C GLY A 215 -15.47 20.76 5.86
N SER A 216 -15.51 20.95 4.54
CA SER A 216 -15.71 19.85 3.60
C SER A 216 -15.00 20.19 2.31
N GLY A 217 -14.21 19.25 1.77
CA GLY A 217 -13.71 19.41 0.43
C GLY A 217 -14.75 19.21 -0.65
N SER A 218 -15.98 18.88 -0.26
CA SER A 218 -17.06 18.46 -1.15
C SER A 218 -18.36 19.16 -0.77
N ASP A 219 -18.34 20.48 -0.67
CA ASP A 219 -19.56 21.24 -0.42
C ASP A 219 -19.36 22.64 -0.96
N CYS A 220 -20.47 23.33 -1.21
CA CYS A 220 -20.46 24.56 -1.99
C CYS A 220 -20.26 25.79 -1.10
N ALA A 221 -19.73 26.85 -1.72
CA ALA A 221 -19.61 28.14 -1.05
C ALA A 221 -19.85 29.24 -2.07
N MET A 222 -20.31 30.39 -1.58
CA MET A 222 -20.52 31.57 -2.42
C MET A 222 -19.84 32.75 -1.78
N GLY A 223 -19.26 33.57 -2.64
CA GLY A 223 -18.75 34.88 -2.25
C GLY A 223 -19.50 35.95 -3.01
N ILE A 224 -19.88 37.00 -2.29
CA ILE A 224 -20.62 38.14 -2.87
C ILE A 224 -19.75 39.37 -2.69
N ILE A 225 -19.23 39.88 -3.80
CA ILE A 225 -18.38 41.06 -3.76
C ILE A 225 -19.25 42.29 -3.91
N ASP A 226 -19.04 43.29 -3.04
CA ASP A 226 -19.73 44.56 -3.17
C ASP A 226 -18.68 45.68 -3.19
N ASP A 227 -19.11 46.93 -3.04
N ASP A 227 -19.10 46.94 -3.06
CA ASP A 227 -18.17 48.04 -3.19
CA ASP A 227 -18.14 48.03 -3.22
C ASP A 227 -17.21 48.16 -2.02
C ASP A 227 -17.20 48.17 -2.03
N SER A 228 -17.46 47.49 -0.91
CA SER A 228 -16.68 47.70 0.29
C SER A 228 -16.12 46.43 0.92
N GLY A 229 -16.40 45.25 0.36
CA GLY A 229 -15.96 44.01 0.95
C GLY A 229 -16.59 42.86 0.20
N PHE A 230 -16.46 41.66 0.75
CA PHE A 230 -17.13 40.50 0.20
C PHE A 230 -17.66 39.63 1.31
N THR A 231 -18.82 39.02 1.05
CA THR A 231 -19.50 38.17 2.03
C THR A 231 -19.37 36.73 1.59
N LEU A 232 -19.11 35.85 2.56
CA LEU A 232 -18.98 34.42 2.33
C LEU A 232 -20.14 33.69 2.99
N LYS A 233 -20.69 32.71 2.27
CA LYS A 233 -21.76 31.91 2.82
C LYS A 233 -21.68 30.48 2.29
N ALA A 234 -22.21 29.57 3.08
CA ALA A 234 -22.39 28.19 2.69
C ALA A 234 -23.87 27.93 2.42
N PHE A 235 -24.19 26.72 2.00
CA PHE A 235 -25.57 26.36 1.66
C PHE A 235 -26.01 25.07 2.31
N ASN A 236 -25.46 24.76 3.48
CA ASN A 236 -25.73 23.52 4.19
C ASN A 236 -25.98 23.94 5.63
N PRO A 237 -27.16 23.69 6.23
CA PRO A 237 -27.39 24.15 7.60
C PRO A 237 -26.40 23.58 8.60
N LYS A 238 -25.68 22.53 8.23
CA LYS A 238 -24.68 22.00 9.14
C LYS A 238 -23.36 22.75 9.05
N ARG A 239 -23.19 23.65 8.10
CA ARG A 239 -21.95 24.38 7.91
C ARG A 239 -22.20 25.88 7.97
N LYS A 240 -21.15 26.61 8.32
CA LYS A 240 -21.24 28.06 8.33
C LYS A 240 -19.85 28.64 8.12
N PHE A 241 -19.81 29.91 7.75
CA PHE A 241 -18.55 30.63 7.78
C PHE A 241 -18.45 31.35 9.12
N THR A 242 -17.26 31.29 9.71
CA THR A 242 -16.92 32.08 10.90
C THR A 242 -15.69 32.92 10.60
N GLU A 243 -15.43 33.89 11.47
CA GLU A 243 -14.23 34.68 11.31
C GLU A 243 -13.00 33.81 11.28
N THR A 244 -12.96 32.78 12.16
CA THR A 244 -11.82 31.87 12.18
C THR A 244 -11.73 31.04 10.92
N SER A 245 -12.86 30.51 10.44
CA SER A 245 -12.76 29.61 9.29
C SER A 245 -12.31 30.36 8.05
N ALA A 246 -12.82 31.58 7.86
CA ALA A 246 -12.45 32.42 6.71
C ALA A 246 -11.01 32.92 6.83
N ALA A 247 -10.60 33.34 8.03
CA ALA A 247 -9.22 33.76 8.21
C ALA A 247 -8.26 32.58 8.05
N ALA A 248 -8.62 31.40 8.56
CA ALA A 248 -7.77 30.24 8.35
C ALA A 248 -7.57 30.00 6.88
N HIS A 249 -8.62 30.18 6.09
CA HIS A 249 -8.43 29.90 4.67
C HIS A 249 -7.61 30.97 3.96
N THR A 250 -7.49 32.14 4.54
CA THR A 250 -6.53 33.12 4.05
C THR A 250 -5.10 32.64 4.29
N LEU A 251 -4.83 31.91 5.37
CA LEU A 251 -3.50 31.36 5.64
C LEU A 251 -3.22 30.10 4.82
N TYR A 252 -4.25 29.42 4.35
CA TYR A 252 -4.15 28.07 3.83
C TYR A 252 -3.19 27.96 2.65
N GLU A 253 -2.16 27.13 2.82
CA GLU A 253 -1.22 26.76 1.77
C GLU A 253 -0.35 27.92 1.31
N LYS A 254 -0.17 28.95 2.15
CA LYS A 254 0.64 30.11 1.80
C LYS A 254 1.79 30.24 2.77
N SER A 255 2.87 30.81 2.27
N SER A 255 2.89 30.79 2.31
CA SER A 255 4.10 31.03 3.01
CA SER A 255 4.06 30.95 3.16
C SER A 255 4.04 32.26 3.89
C SER A 255 4.11 32.29 3.88
N ASP A 256 3.20 33.23 3.56
CA ASP A 256 3.15 34.48 4.31
C ASP A 256 1.76 35.07 4.18
N PRO A 257 0.90 35.02 5.21
CA PRO A 257 -0.47 35.48 5.00
C PRO A 257 -0.58 36.97 4.78
N TYR A 258 0.46 37.75 5.07
CA TYR A 258 0.39 39.17 4.78
C TYR A 258 0.53 39.48 3.29
N PHE A 259 1.20 38.61 2.53
CA PHE A 259 1.57 38.91 1.15
C PHE A 259 1.39 37.64 0.33
N LEU A 260 0.32 37.58 -0.47
CA LEU A 260 0.07 36.43 -1.34
C LEU A 260 0.46 36.75 -2.77
N PRO A 261 1.56 36.19 -3.29
CA PRO A 261 2.01 36.56 -4.64
C PRO A 261 1.36 35.69 -5.70
N GLY A 262 1.15 36.30 -6.85
CA GLY A 262 0.64 35.60 -8.01
C GLY A 262 1.05 36.36 -9.24
N PRO A 263 0.62 35.88 -10.41
CA PRO A 263 0.99 36.52 -11.67
C PRO A 263 0.41 37.93 -11.76
N GLY A 264 1.31 38.91 -11.80
CA GLY A 264 0.93 40.30 -11.94
C GLY A 264 0.85 41.09 -10.66
N GLY A 265 0.96 40.47 -9.49
CA GLY A 265 0.91 41.27 -8.29
C GLY A 265 0.83 40.45 -7.02
N VAL A 266 0.67 41.16 -5.92
CA VAL A 266 0.69 40.55 -4.60
C VAL A 266 -0.52 41.08 -3.85
N LEU A 267 -1.27 40.18 -3.23
CA LEU A 267 -2.31 40.60 -2.30
C LEU A 267 -1.67 41.01 -0.99
N ASN A 268 -1.90 42.23 -0.56
CA ASN A 268 -1.39 42.77 0.69
C ASN A 268 -2.56 42.75 1.66
N LEU A 269 -2.46 41.93 2.71
CA LEU A 269 -3.58 41.67 3.59
C LEU A 269 -3.40 42.25 4.99
N LYS A 270 -2.44 43.14 5.21
N LYS A 270 -2.43 43.15 5.17
CA LYS A 270 -2.27 43.65 6.56
CA LYS A 270 -2.21 43.78 6.47
C LYS A 270 -3.46 44.49 7.03
C LYS A 270 -3.48 44.44 7.00
N GLY A 271 -4.29 45.01 6.12
CA GLY A 271 -5.49 45.74 6.48
C GLY A 271 -6.77 44.95 6.51
N CYS A 272 -6.69 43.63 6.44
N CYS A 272 -6.73 43.64 6.34
CA CYS A 272 -7.91 42.84 6.35
CA CYS A 272 -7.99 42.90 6.20
C CYS A 272 -8.67 42.82 7.66
C CYS A 272 -8.65 42.68 7.55
N THR A 273 -9.98 42.65 7.52
CA THR A 273 -10.84 42.38 8.66
C THR A 273 -11.81 41.28 8.25
N PHE A 274 -12.22 40.52 9.25
CA PHE A 274 -13.18 39.43 9.13
C PHE A 274 -14.26 39.72 10.15
N LYS A 275 -15.50 39.80 9.70
CA LYS A 275 -16.62 40.17 10.56
C LYS A 275 -17.78 39.20 10.37
N ALA A 276 -18.18 38.54 11.45
CA ALA A 276 -19.36 37.70 11.38
C ALA A 276 -20.58 38.59 11.16
N VAL A 277 -21.41 38.23 10.19
CA VAL A 277 -22.63 38.95 9.87
C VAL A 277 -23.76 37.96 9.66
N ASN A 278 -24.98 38.46 9.86
CA ASN A 278 -26.22 37.71 9.63
C ASN A 278 -26.12 36.35 10.33
N GLU A 279 -26.59 35.26 9.71
N GLU A 279 -26.47 35.27 9.68
CA GLU A 279 -26.53 33.93 10.33
CA GLU A 279 -26.44 33.97 10.34
C GLU A 279 -25.49 33.09 9.56
C GLU A 279 -25.48 33.07 9.58
N GLY A 280 -24.31 32.87 10.16
CA GLY A 280 -23.32 31.98 9.57
C GLY A 280 -22.57 32.48 8.36
N GLU A 281 -22.47 33.79 8.20
CA GLU A 281 -21.78 34.44 7.09
C GLU A 281 -20.67 35.33 7.66
N VAL A 282 -19.72 35.65 6.81
CA VAL A 282 -18.59 36.50 7.18
C VAL A 282 -18.37 37.55 6.11
N TYR A 283 -18.18 38.79 6.52
CA TYR A 283 -17.85 39.89 5.64
C TYR A 283 -16.38 40.24 5.80
N VAL A 284 -15.66 40.24 4.68
CA VAL A 284 -14.23 40.46 4.65
C VAL A 284 -13.98 41.76 3.91
N SER A 285 -13.08 42.56 4.45
N SER A 285 -13.10 42.58 4.47
CA SER A 285 -12.78 43.85 3.86
CA SER A 285 -12.80 43.89 3.90
C SER A 285 -11.31 44.16 4.07
C SER A 285 -11.33 44.19 4.12
N GLY A 286 -10.83 45.19 3.38
CA GLY A 286 -9.49 45.71 3.58
C GLY A 286 -8.39 45.13 2.72
N SER A 287 -8.69 44.09 1.95
CA SER A 287 -7.71 43.47 1.07
C SER A 287 -7.25 44.48 0.03
N ARG A 288 -5.95 44.47 -0.28
N ARG A 288 -5.95 44.47 -0.27
CA ARG A 288 -5.35 45.34 -1.28
CA ARG A 288 -5.35 45.36 -1.27
C ARG A 288 -4.53 44.51 -2.23
C ARG A 288 -4.53 44.51 -2.23
N HIS A 289 -4.44 44.94 -3.48
CA HIS A 289 -3.62 44.28 -4.49
C HIS A 289 -2.58 45.28 -4.99
N GLU A 290 -1.33 44.85 -5.05
CA GLU A 290 -0.23 45.68 -5.52
C GLU A 290 0.38 45.02 -6.75
N ALA A 291 0.41 45.74 -7.86
CA ALA A 291 0.99 45.23 -9.09
C ALA A 291 2.49 45.02 -8.93
N THR A 292 2.99 43.99 -9.60
CA THR A 292 4.42 43.72 -9.72
C THR A 292 4.74 43.42 -11.17
N PRO A 293 6.02 43.53 -11.56
CA PRO A 293 6.42 43.11 -12.90
C PRO A 293 5.92 41.70 -13.15
N TYR A 294 5.37 41.47 -14.32
CA TYR A 294 4.60 40.25 -14.56
C TYR A 294 5.53 39.07 -14.79
N ALA A 295 5.32 38.01 -14.01
CA ALA A 295 6.07 36.77 -14.12
C ALA A 295 5.10 35.62 -13.88
N LEU A 296 5.41 34.48 -14.48
CA LEU A 296 4.61 33.28 -14.38
C LEU A 296 5.39 32.19 -13.65
N LYS A 297 4.70 31.38 -12.86
CA LYS A 297 5.32 30.23 -12.23
C LYS A 297 5.22 29.03 -13.17
N LEU A 298 6.35 28.42 -13.44
CA LEU A 298 6.43 27.17 -14.21
C LEU A 298 6.52 25.97 -13.29
N GLU A 299 5.87 24.88 -13.71
CA GLU A 299 5.94 23.59 -13.04
C GLU A 299 6.35 22.54 -14.07
N GLY A 300 7.19 21.60 -13.61
CA GLY A 300 7.58 20.45 -14.42
C GLY A 300 8.08 19.35 -13.52
N ALA A 301 8.03 18.12 -14.04
CA ALA A 301 8.52 16.94 -13.34
C ALA A 301 9.30 16.06 -14.31
N ARG A 302 10.11 15.16 -13.74
CA ARG A 302 10.95 14.26 -14.51
C ARG A 302 10.86 12.86 -13.90
N ARG A 303 10.98 11.86 -14.74
CA ARG A 303 10.95 10.47 -14.30
C ARG A 303 12.27 10.11 -13.65
N VAL A 304 12.22 9.48 -12.48
CA VAL A 304 13.43 9.14 -11.73
C VAL A 304 13.64 7.65 -11.55
N GLY A 305 12.64 6.83 -11.85
CA GLY A 305 12.75 5.40 -11.64
C GLY A 305 11.38 4.78 -11.69
N PHE A 306 11.27 3.57 -11.12
CA PHE A 306 10.08 2.74 -11.17
C PHE A 306 9.93 2.13 -9.79
N ARG A 307 8.68 1.97 -9.34
CA ARG A 307 8.42 1.52 -7.99
C ARG A 307 7.71 0.18 -7.94
N CYS A 308 8.07 -0.63 -6.95
CA CYS A 308 7.28 -1.78 -6.55
C CYS A 308 7.14 -1.72 -5.03
N LEU A 309 5.97 -2.08 -4.52
CA LEU A 309 5.72 -1.94 -3.09
C LEU A 309 5.01 -3.17 -2.53
N THR A 310 5.11 -3.30 -1.22
N THR A 310 5.09 -3.32 -1.22
CA THR A 310 4.35 -4.32 -0.52
CA THR A 310 4.33 -4.33 -0.52
C THR A 310 3.89 -3.73 0.81
C THR A 310 3.93 -3.78 0.84
N ILE A 311 2.77 -4.22 1.32
CA ILE A 311 2.26 -3.82 2.63
C ILE A 311 1.94 -5.06 3.43
N ALA A 312 2.32 -5.04 4.70
CA ALA A 312 2.00 -6.14 5.59
C ALA A 312 2.10 -5.67 7.03
N GLY A 313 1.34 -6.31 7.90
CA GLY A 313 1.36 -5.99 9.30
C GLY A 313 2.20 -6.96 10.09
N THR A 314 2.62 -6.50 11.28
CA THR A 314 3.18 -7.36 12.29
C THR A 314 2.48 -7.10 13.61
N ARG A 315 2.26 -8.15 14.36
CA ARG A 315 1.60 -8.10 15.65
C ARG A 315 2.47 -8.62 16.77
N ASP A 316 3.70 -8.96 16.48
CA ASP A 316 4.54 -9.62 17.49
C ASP A 316 5.37 -8.57 18.23
N PRO A 317 5.33 -8.56 19.57
CA PRO A 317 6.03 -7.49 20.30
C PRO A 317 7.54 -7.55 20.19
N ILE A 318 8.10 -8.76 20.05
CA ILE A 318 9.55 -8.87 19.91
C ILE A 318 9.99 -8.29 18.57
N MET A 319 9.30 -8.67 17.50
CA MET A 319 9.62 -8.13 16.19
C MET A 319 9.45 -6.62 16.17
N ILE A 320 8.38 -6.10 16.78
CA ILE A 320 8.13 -4.66 16.78
C ILE A 320 9.25 -3.95 17.52
N ALA A 321 9.62 -4.46 18.70
CA ALA A 321 10.68 -3.81 19.46
C ALA A 321 11.98 -3.75 18.67
N GLY A 322 12.28 -4.78 17.91
CA GLY A 322 13.55 -4.85 17.22
C GLY A 322 13.50 -4.49 15.77
N ILE A 323 12.44 -3.80 15.34
CA ILE A 323 12.15 -3.71 13.91
C ILE A 323 13.23 -2.94 13.15
N ASP A 324 13.79 -1.89 13.74
CA ASP A 324 14.73 -1.07 12.97
C ASP A 324 15.95 -1.90 12.60
N ASN A 325 16.49 -2.66 13.55
N ASN A 325 16.49 -2.66 13.55
CA ASN A 325 17.65 -3.51 13.25
CA ASN A 325 17.66 -3.49 13.25
C ASN A 325 17.28 -4.63 12.31
C ASN A 325 17.29 -4.64 12.32
N ILE A 326 16.08 -5.19 12.46
CA ILE A 326 15.65 -6.27 11.57
C ILE A 326 15.65 -5.78 10.13
N LEU A 327 15.10 -4.59 9.89
CA LEU A 327 15.03 -4.08 8.53
C LEU A 327 16.42 -3.86 7.94
N GLU A 328 17.36 -3.38 8.75
N GLU A 328 17.36 -3.36 8.75
CA GLU A 328 18.72 -3.22 8.26
CA GLU A 328 18.73 -3.22 8.27
C GLU A 328 19.34 -4.57 7.90
C GLU A 328 19.32 -4.57 7.89
N GLU A 329 19.11 -5.60 8.72
N GLU A 329 19.10 -5.60 8.74
CA GLU A 329 19.67 -6.92 8.45
CA GLU A 329 19.66 -6.91 8.46
C GLU A 329 19.04 -7.54 7.21
C GLU A 329 19.04 -7.52 7.20
N VAL A 330 17.74 -7.30 6.99
CA VAL A 330 17.09 -7.81 5.79
C VAL A 330 17.66 -7.15 4.55
N GLN A 331 17.83 -5.83 4.60
CA GLN A 331 18.42 -5.14 3.46
C GLN A 331 19.81 -5.66 3.14
N THR A 332 20.64 -5.84 4.16
CA THR A 332 21.99 -6.36 3.94
C THR A 332 21.93 -7.73 3.29
N SER A 333 21.02 -8.59 3.76
CA SER A 333 20.87 -9.94 3.21
C SER A 333 20.49 -9.88 1.74
N VAL A 334 19.53 -9.03 1.40
CA VAL A 334 19.05 -8.94 0.03
C VAL A 334 20.15 -8.42 -0.88
N ALA A 335 20.87 -7.38 -0.46
CA ALA A 335 21.95 -6.86 -1.28
C ALA A 335 22.99 -7.94 -1.58
N ARG A 336 23.34 -8.74 -0.58
CA ARG A 336 24.29 -9.83 -0.77
C ARG A 336 23.73 -10.89 -1.71
N ASN A 337 22.47 -11.26 -1.52
CA ASN A 337 21.89 -12.35 -2.31
C ASN A 337 21.77 -11.97 -3.79
N LEU A 338 21.34 -10.75 -4.08
CA LEU A 338 21.15 -10.30 -5.45
C LEU A 338 22.36 -9.55 -6.00
N SER A 339 23.46 -9.51 -5.24
CA SER A 339 24.70 -8.82 -5.64
C SER A 339 24.40 -7.38 -6.10
N LEU A 340 23.65 -6.65 -5.28
CA LEU A 340 23.25 -5.30 -5.64
C LEU A 340 24.43 -4.36 -5.55
N ASN A 341 24.51 -3.44 -6.50
CA ASN A 341 25.66 -2.55 -6.63
C ASN A 341 25.27 -1.22 -7.27
N ASP A 342 24.08 -0.72 -6.97
CA ASP A 342 23.60 0.54 -7.55
C ASP A 342 22.95 1.35 -6.45
N ASP A 343 23.60 2.44 -6.04
CA ASP A 343 23.02 3.35 -5.06
C ASP A 343 21.68 3.93 -5.51
N SER A 344 21.32 3.82 -6.79
CA SER A 344 20.02 4.29 -7.24
C SER A 344 18.90 3.32 -6.92
N ILE A 345 19.20 2.17 -6.35
CA ILE A 345 18.17 1.28 -5.85
C ILE A 345 17.87 1.75 -4.43
N ARG A 346 16.68 2.30 -4.23
CA ARG A 346 16.28 2.89 -2.96
C ARG A 346 15.14 2.12 -2.34
N MET A 347 15.39 1.58 -1.15
CA MET A 347 14.41 0.87 -0.35
C MET A 347 13.94 1.82 0.75
N THR A 348 12.62 2.02 0.83
CA THR A 348 12.00 2.91 1.80
C THR A 348 10.99 2.11 2.61
N PHE A 349 11.05 2.26 3.93
CA PHE A 349 10.07 1.67 4.82
C PHE A 349 9.25 2.76 5.51
N HIS A 350 7.96 2.50 5.64
CA HIS A 350 7.08 3.29 6.49
C HIS A 350 6.50 2.37 7.55
N LEU A 351 6.75 2.68 8.80
CA LEU A 351 6.31 1.86 9.92
C LEU A 351 5.12 2.54 10.58
N TYR A 352 3.93 2.24 10.05
CA TYR A 352 2.71 2.88 10.52
C TYR A 352 2.37 2.33 11.89
N GLY A 353 2.16 3.24 12.83
CA GLY A 353 2.03 2.91 14.23
C GLY A 353 3.24 3.32 15.02
N LYS A 354 4.28 3.80 14.36
N LYS A 354 4.32 3.74 14.36
CA LYS A 354 5.51 4.25 15.01
CA LYS A 354 5.47 4.30 15.05
C LYS A 354 5.89 5.61 14.48
C LYS A 354 5.85 5.65 14.47
N ASN A 355 6.36 5.66 13.22
CA ASN A 355 6.88 6.90 12.66
C ASN A 355 6.63 6.96 11.17
N GLY A 356 5.56 6.34 10.69
CA GLY A 356 5.27 6.35 9.27
C GLY A 356 4.95 7.72 8.68
N VAL A 357 4.34 8.59 9.48
CA VAL A 357 3.89 9.90 9.00
C VAL A 357 4.97 10.94 9.10
N MET A 358 5.73 10.93 10.19
CA MET A 358 6.69 11.99 10.46
C MET A 358 8.14 11.59 10.32
N GLY A 359 8.44 10.29 10.22
CA GLY A 359 9.81 9.88 9.98
C GLY A 359 10.69 10.33 11.12
N ASN A 360 11.82 10.97 10.79
CA ASN A 360 12.78 11.35 11.80
C ASN A 360 12.27 12.50 12.68
N HIS A 361 11.16 13.12 12.31
CA HIS A 361 10.57 14.19 13.11
C HIS A 361 9.48 13.71 14.05
N GLU A 362 9.24 12.40 14.12
CA GLU A 362 8.22 11.88 15.01
C GLU A 362 8.69 11.99 16.46
N PRO A 363 7.91 12.62 17.34
CA PRO A 363 8.38 12.74 18.74
C PRO A 363 8.25 11.46 19.54
N MET A 364 7.30 10.58 19.22
CA MET A 364 7.11 9.35 19.97
C MET A 364 8.12 8.31 19.48
N LYS A 365 8.85 7.69 20.40
CA LYS A 365 9.94 6.80 20.04
C LYS A 365 9.55 5.33 20.10
N THR A 366 8.34 5.02 20.55
CA THR A 366 7.92 3.65 20.80
C THR A 366 6.63 3.37 20.05
N ALA A 367 6.56 2.20 19.44
CA ALA A 367 5.35 1.69 18.82
C ALA A 367 4.37 1.20 19.89
N GLY A 368 3.15 0.93 19.45
CA GLY A 368 2.18 0.21 20.26
C GLY A 368 2.22 -1.27 19.95
N HIS A 369 1.06 -1.91 19.83
CA HIS A 369 0.97 -3.35 19.72
C HIS A 369 1.04 -3.86 18.30
N GLU A 370 0.95 -2.99 17.30
CA GLU A 370 0.90 -3.42 15.91
C GLU A 370 1.62 -2.40 15.04
N LEU A 371 2.28 -2.87 14.00
CA LEU A 371 2.78 -1.99 12.95
C LEU A 371 2.25 -2.42 11.62
N GLY A 372 1.97 -1.42 10.77
CA GLY A 372 1.83 -1.67 9.34
C GLY A 372 3.14 -1.35 8.65
N ILE A 373 3.72 -2.35 8.02
CA ILE A 373 5.01 -2.20 7.37
C ILE A 373 4.78 -2.03 5.88
N LEU A 374 4.98 -0.79 5.41
CA LEU A 374 4.92 -0.49 3.99
C LEU A 374 6.36 -0.40 3.47
N LEU A 375 6.68 -1.20 2.47
CA LEU A 375 7.98 -1.21 1.83
C LEU A 375 7.79 -0.77 0.39
N ASP A 376 8.66 0.10 -0.09
CA ASP A 376 8.69 0.37 -1.52
C ASP A 376 10.13 0.45 -1.98
N VAL A 377 10.36 -0.03 -3.19
CA VAL A 377 11.64 0.03 -3.85
C VAL A 377 11.47 0.86 -5.10
N VAL A 378 12.31 1.87 -5.26
CA VAL A 378 12.42 2.65 -6.50
C VAL A 378 13.77 2.32 -7.09
N ALA A 379 13.76 1.92 -8.37
CA ALA A 379 14.96 1.47 -9.04
C ALA A 379 14.98 1.94 -10.49
N PRO A 380 16.10 1.78 -11.17
CA PRO A 380 16.22 2.33 -12.54
C PRO A 380 15.33 1.64 -13.55
N THR A 381 14.93 0.40 -13.30
CA THR A 381 13.96 -0.27 -14.14
C THR A 381 12.90 -0.91 -13.28
N GLN A 382 11.75 -1.17 -13.88
CA GLN A 382 10.68 -1.86 -13.17
C GLN A 382 11.08 -3.25 -12.76
N ASP A 383 11.82 -3.95 -13.63
CA ASP A 383 12.28 -5.30 -13.31
C ASP A 383 13.13 -5.31 -12.05
N ILE A 384 14.05 -4.37 -11.92
CA ILE A 384 14.91 -4.35 -10.75
C ILE A 384 14.08 -4.01 -9.51
N ALA A 385 13.20 -3.00 -9.62
CA ALA A 385 12.35 -2.67 -8.49
C ALA A 385 11.56 -3.89 -8.02
N ASN A 386 10.97 -4.61 -8.97
CA ASN A 386 10.16 -5.77 -8.63
C ASN A 386 11.00 -6.84 -7.96
N SER A 387 12.23 -7.05 -8.46
N SER A 387 12.21 -7.08 -8.47
CA SER A 387 13.09 -8.11 -7.94
CA SER A 387 13.07 -8.12 -7.91
C SER A 387 13.55 -7.82 -6.52
C SER A 387 13.45 -7.79 -6.47
N VAL A 388 13.97 -6.58 -6.26
CA VAL A 388 14.41 -6.22 -4.92
C VAL A 388 13.23 -6.24 -3.95
N CYS A 389 12.08 -5.70 -4.36
CA CYS A 389 10.91 -5.73 -3.49
C CYS A 389 10.54 -7.17 -3.13
N SER A 390 10.54 -8.07 -4.11
CA SER A 390 10.17 -9.44 -3.84
C SER A 390 11.12 -10.09 -2.83
N LEU A 391 12.43 -9.88 -3.02
CA LEU A 391 13.37 -10.50 -2.10
C LEU A 391 13.32 -9.87 -0.72
N VAL A 392 13.10 -8.56 -0.62
CA VAL A 392 12.91 -7.98 0.71
C VAL A 392 11.71 -8.60 1.38
N ARG A 393 10.61 -8.75 0.64
CA ARG A 393 9.38 -9.31 1.17
C ARG A 393 9.61 -10.72 1.71
N SER A 394 10.18 -11.61 0.89
CA SER A 394 10.33 -12.98 1.36
C SER A 394 11.41 -13.10 2.43
N THR A 395 12.43 -12.26 2.38
CA THR A 395 13.46 -12.31 3.43
C THR A 395 12.89 -11.84 4.76
N LEU A 396 12.18 -10.71 4.74
CA LEU A 396 11.53 -10.21 5.96
C LEU A 396 10.52 -11.22 6.50
N LEU A 397 9.79 -11.90 5.61
CA LEU A 397 8.77 -12.86 6.04
C LEU A 397 9.35 -13.94 6.93
N HIS A 398 10.55 -14.42 6.61
CA HIS A 398 11.12 -15.57 7.30
C HIS A 398 12.40 -15.23 8.05
N TYR A 399 12.66 -13.96 8.31
CA TYR A 399 13.88 -13.56 9.00
C TYR A 399 13.84 -14.04 10.46
N GLY A 400 14.92 -14.71 10.88
CA GLY A 400 15.04 -15.23 12.23
C GLY A 400 15.62 -14.21 13.19
N TYR A 401 14.80 -13.25 13.60
CA TYR A 401 15.27 -12.21 14.48
C TYR A 401 15.53 -12.73 15.89
N GLU A 402 16.36 -12.00 16.62
CA GLU A 402 16.77 -12.45 17.95
C GLU A 402 15.55 -12.62 18.84
N ASN A 403 15.50 -13.75 19.52
CA ASN A 403 14.47 -14.09 20.48
C ASN A 403 13.12 -14.39 19.87
N ARG A 404 13.04 -14.57 18.55
CA ARG A 404 11.77 -14.86 17.92
C ARG A 404 11.16 -16.14 18.47
N ILE A 405 9.85 -16.09 18.76
CA ILE A 405 9.05 -17.23 19.13
C ILE A 405 7.98 -17.54 18.08
N ALA A 406 7.59 -16.57 17.26
CA ALA A 406 6.58 -16.77 16.22
C ALA A 406 7.33 -17.14 14.93
N THR A 407 7.69 -18.42 14.82
CA THR A 407 8.76 -18.83 13.90
C THR A 407 8.27 -19.32 12.54
N ALA A 408 6.97 -19.28 12.27
CA ALA A 408 6.45 -19.73 10.98
C ALA A 408 6.32 -18.60 9.96
N GLY A 409 6.64 -17.37 10.33
CA GLY A 409 6.52 -16.23 9.44
C GLY A 409 6.21 -14.98 10.23
N ASN A 410 6.59 -13.85 9.66
CA ASN A 410 6.67 -12.60 10.40
C ASN A 410 5.70 -11.53 9.94
N LEU A 411 4.90 -11.80 8.91
CA LEU A 411 4.14 -10.75 8.24
C LEU A 411 2.73 -11.18 7.92
N ALA A 412 1.78 -10.25 8.10
CA ALA A 412 0.38 -10.44 7.75
C ALA A 412 0.08 -9.59 6.51
N PHE A 413 0.02 -10.25 5.37
CA PHE A 413 -0.30 -9.55 4.12
C PHE A 413 -1.81 -9.47 3.95
N PRO A 414 -2.36 -8.30 3.63
CA PRO A 414 -3.80 -8.24 3.38
C PRO A 414 -4.20 -8.74 2.01
N PHE A 415 -3.26 -8.83 1.06
CA PHE A 415 -3.61 -9.09 -0.33
C PHE A 415 -2.81 -10.24 -0.94
N SER A 416 -3.42 -10.86 -1.94
CA SER A 416 -2.74 -11.76 -2.88
C SER A 416 -2.96 -11.07 -4.23
N PRO A 417 -1.90 -10.63 -4.93
CA PRO A 417 -0.49 -10.83 -4.60
C PRO A 417 -0.03 -9.89 -3.50
N SER A 418 1.08 -10.22 -2.86
CA SER A 418 1.60 -9.33 -1.83
C SER A 418 2.28 -8.12 -2.43
N ASP A 419 2.93 -8.25 -3.59
CA ASP A 419 3.70 -7.16 -4.16
C ASP A 419 2.86 -6.46 -5.24
N ILE A 420 3.00 -5.14 -5.31
CA ILE A 420 2.24 -4.34 -6.26
C ILE A 420 3.20 -3.47 -7.04
N GLN A 421 3.28 -3.69 -8.35
CA GLN A 421 4.02 -2.81 -9.22
C GLN A 421 3.22 -1.52 -9.39
N SER A 422 3.83 -0.38 -9.08
CA SER A 422 3.13 0.89 -9.21
C SER A 422 3.65 1.76 -10.35
N GLY A 423 4.77 1.42 -10.97
CA GLY A 423 5.14 2.05 -12.21
C GLY A 423 6.11 3.19 -12.09
N PRO A 424 6.19 3.99 -13.15
CA PRO A 424 7.11 5.14 -13.16
C PRO A 424 6.91 6.07 -11.98
N VAL A 425 8.03 6.60 -11.48
CA VAL A 425 8.04 7.56 -10.39
C VAL A 425 8.64 8.86 -10.91
N TYR A 426 7.96 9.98 -10.62
CA TYR A 426 8.36 11.31 -11.03
C TYR A 426 8.79 12.10 -9.80
N GLU A 427 9.64 13.11 -10.03
CA GLU A 427 9.96 14.12 -9.03
C GLU A 427 9.85 15.50 -9.67
N PHE A 428 9.47 16.49 -8.86
CA PHE A 428 9.44 17.85 -9.38
C PHE A 428 10.82 18.25 -9.88
N SER A 429 10.84 18.95 -11.01
CA SER A 429 12.08 19.42 -11.62
C SER A 429 12.06 20.91 -11.94
N ILE A 430 10.89 21.52 -12.06
CA ILE A 430 10.77 22.95 -12.33
C ILE A 430 9.72 23.48 -11.38
N TYR A 431 10.05 24.58 -10.71
CA TYR A 431 9.17 25.26 -9.76
C TYR A 431 9.75 26.66 -9.66
N HIS A 432 9.65 27.40 -10.76
CA HIS A 432 10.46 28.59 -10.99
C HIS A 432 9.62 29.66 -11.68
N LEU A 433 9.94 30.92 -11.42
CA LEU A 433 9.29 32.04 -12.09
C LEU A 433 10.02 32.37 -13.38
N ILE A 434 9.25 32.75 -14.39
CA ILE A 434 9.78 33.19 -15.68
C ILE A 434 9.17 34.55 -15.99
N GLU A 435 10.01 35.49 -16.39
N GLU A 435 10.01 35.49 -16.40
CA GLU A 435 9.49 36.80 -16.73
CA GLU A 435 9.51 36.81 -16.75
C GLU A 435 8.55 36.68 -17.93
C GLU A 435 8.58 36.70 -17.95
N ALA A 436 7.48 37.44 -17.91
CA ALA A 436 6.53 37.43 -19.00
C ALA A 436 7.19 37.90 -20.30
N SER A 437 6.70 37.36 -21.41
CA SER A 437 7.17 37.77 -22.74
C SER A 437 6.05 37.47 -23.73
N ASP A 438 6.20 38.01 -24.94
CA ASP A 438 5.24 37.68 -25.99
C ASP A 438 5.12 36.17 -26.18
N ALA A 439 6.25 35.46 -26.13
CA ALA A 439 6.24 34.01 -26.37
C ALA A 439 5.41 33.26 -25.33
N LEU A 440 5.29 33.80 -24.14
CA LEU A 440 4.55 33.19 -23.06
C LEU A 440 3.10 33.63 -23.00
N ARG A 441 2.64 34.44 -23.94
CA ARG A 441 1.24 34.83 -23.95
C ARG A 441 0.35 33.59 -24.06
N PHE A 442 -0.72 33.56 -23.28
CA PHE A 442 -1.69 32.48 -23.32
C PHE A 442 -2.69 32.80 -24.41
N ASP A 443 -2.83 31.92 -25.38
CA ASP A 443 -3.85 32.08 -26.40
C ASP A 443 -5.07 31.26 -26.00
N PHE A 444 -6.25 31.73 -26.32
CA PHE A 444 -7.47 30.95 -26.19
C PHE A 444 -8.02 30.68 -27.59
N HIS A 445 -8.80 29.61 -27.72
CA HIS A 445 -9.61 29.46 -28.91
C HIS A 445 -10.97 28.94 -28.49
N ILE A 446 -11.99 29.34 -29.22
CA ILE A 446 -13.36 29.02 -28.89
C ILE A 446 -13.85 27.99 -29.89
N GLU A 447 -14.49 26.95 -29.38
CA GLU A 447 -15.16 25.98 -30.20
C GLU A 447 -16.63 25.98 -29.85
N GLN A 448 -17.45 25.71 -30.86
N GLN A 448 -17.45 25.70 -30.85
CA GLN A 448 -18.90 25.65 -30.72
CA GLN A 448 -18.89 25.64 -30.66
C GLN A 448 -19.27 24.20 -30.43
C GLN A 448 -19.27 24.19 -30.39
N VAL A 449 -19.56 23.90 -29.14
CA VAL A 449 -19.94 22.56 -28.73
C VAL A 449 -21.42 22.37 -29.03
N THR A 450 -21.76 21.20 -29.59
CA THR A 450 -23.14 20.84 -29.87
C THR A 450 -23.36 19.39 -29.45
N PRO A 451 -24.60 18.91 -29.45
CA PRO A 451 -24.82 17.49 -29.13
C PRO A 451 -24.19 16.54 -30.12
N GLU A 452 -23.82 17.01 -31.31
CA GLU A 452 -23.14 16.18 -32.29
C GLU A 452 -21.62 16.32 -32.24
N GLY A 453 -21.10 17.16 -31.34
CA GLY A 453 -19.69 17.45 -31.29
C GLY A 453 -19.36 18.86 -31.74
N VAL A 454 -18.12 19.05 -32.15
CA VAL A 454 -17.64 20.30 -32.74
C VAL A 454 -17.50 20.06 -34.24
N GLN A 455 -18.09 20.94 -35.06
CA GLN A 455 -18.08 20.74 -36.51
C GLN A 455 -16.77 21.25 -37.13
N ALA A 456 -16.35 20.57 -38.21
CA ALA A 456 -15.10 20.85 -38.94
C ALA A 456 -13.90 20.96 -38.01
N MET B 1 -0.43 27.20 37.29
CA MET B 1 -0.60 26.15 36.26
C MET B 1 -0.25 26.74 34.92
N LYS B 2 0.09 25.87 33.98
N LYS B 2 0.11 25.88 33.98
CA LYS B 2 0.38 26.29 32.62
CA LYS B 2 0.40 26.28 32.62
C LYS B 2 -0.88 26.19 31.76
C LYS B 2 -0.87 26.19 31.77
N GLN B 3 -0.86 26.86 30.63
CA GLN B 3 -1.98 26.85 29.71
C GLN B 3 -1.53 26.13 28.45
N SER B 4 -2.22 25.05 28.12
CA SER B 4 -1.85 24.31 26.93
C SER B 4 -2.23 25.09 25.68
N LEU B 5 -1.44 24.89 24.62
CA LEU B 5 -1.83 25.45 23.32
C LEU B 5 -3.21 24.96 22.91
N CYS B 6 -3.50 23.68 23.13
CA CYS B 6 -4.81 23.18 22.75
C CYS B 6 -5.95 23.94 23.41
N SER B 7 -5.75 24.38 24.66
CA SER B 7 -6.80 25.11 25.35
C SER B 7 -7.02 26.50 24.79
N LEU B 8 -6.07 27.01 24.01
CA LEU B 8 -6.12 28.38 23.50
C LEU B 8 -6.38 28.46 22.01
N ALA B 9 -6.27 27.36 21.29
CA ALA B 9 -6.29 27.41 19.84
C ALA B 9 -7.47 26.64 19.27
N GLN B 10 -8.09 27.21 18.23
CA GLN B 10 -9.18 26.59 17.49
C GLN B 10 -8.66 25.73 16.35
N VAL B 11 -7.50 26.07 15.81
CA VAL B 11 -6.93 25.44 14.63
C VAL B 11 -5.45 25.25 14.91
N ILE B 12 -4.96 24.02 14.71
CA ILE B 12 -3.54 23.68 14.87
C ILE B 12 -3.30 22.65 13.75
N ARG B 13 -2.54 23.02 12.73
CA ARG B 13 -2.51 22.20 11.52
C ARG B 13 -1.25 22.44 10.71
N SER B 14 -0.99 21.52 9.79
CA SER B 14 0.06 21.66 8.79
C SER B 14 -0.49 21.49 7.38
N LYS B 15 0.22 22.08 6.43
CA LYS B 15 0.01 21.80 5.01
C LYS B 15 1.24 22.23 4.24
N ASN B 16 1.41 21.70 3.03
CA ASN B 16 2.38 22.28 2.12
C ASN B 16 2.05 23.76 1.85
N ALA B 17 3.09 24.54 1.57
CA ALA B 17 2.96 25.79 0.79
C ALA B 17 3.80 25.59 -0.45
N GLY B 18 3.25 24.88 -1.42
CA GLY B 18 4.02 24.38 -2.53
C GLY B 18 4.87 23.18 -2.11
N PRO B 19 5.56 22.58 -3.08
CA PRO B 19 6.24 21.30 -2.82
C PRO B 19 7.46 21.40 -1.91
N TYR B 20 7.97 22.61 -1.66
CA TYR B 20 9.25 22.81 -1.03
C TYR B 20 9.14 23.35 0.39
N GLU B 21 7.94 23.67 0.86
CA GLU B 21 7.76 24.29 2.16
C GLU B 21 6.62 23.66 2.93
N LEU B 22 6.79 23.60 4.24
CA LEU B 22 5.78 23.13 5.18
C LEU B 22 5.38 24.32 6.03
N VAL B 23 4.08 24.55 6.17
CA VAL B 23 3.59 25.64 7.02
C VAL B 23 2.70 25.06 8.11
N LEU B 24 2.87 25.58 9.31
CA LEU B 24 2.07 25.19 10.47
C LEU B 24 1.26 26.42 10.84
N ASP B 25 -0.06 26.28 10.89
CA ASP B 25 -0.94 27.38 11.22
C ASP B 25 -1.58 27.14 12.59
N ILE B 26 -1.61 28.18 13.41
CA ILE B 26 -2.28 28.17 14.71
C ILE B 26 -3.19 29.38 14.75
N LEU B 27 -4.49 29.16 14.87
CA LEU B 27 -5.45 30.25 15.01
C LEU B 27 -6.04 30.16 16.40
N PHE B 28 -5.92 31.26 17.16
CA PHE B 28 -6.33 31.29 18.55
C PHE B 28 -7.82 31.56 18.68
N LYS B 29 -8.38 31.07 19.79
CA LYS B 29 -9.80 31.23 20.06
C LYS B 29 -10.20 32.68 20.26
N THR B 30 -9.34 33.48 20.88
CA THR B 30 -9.67 34.89 21.11
C THR B 30 -8.46 35.76 20.81
N ARG B 31 -8.73 37.02 20.49
CA ARG B 31 -7.64 37.99 20.35
C ARG B 31 -6.83 38.10 21.64
N GLU B 32 -7.50 38.06 22.81
CA GLU B 32 -6.75 38.18 24.06
C GLU B 32 -5.74 37.04 24.21
N ASP B 33 -6.14 35.82 23.87
CA ASP B 33 -5.23 34.67 23.94
C ASP B 33 -4.05 34.86 22.99
N TYR B 34 -4.33 35.25 21.75
CA TYR B 34 -3.27 35.49 20.79
C TYR B 34 -2.29 36.53 21.30
N GLN B 35 -2.81 37.65 21.81
CA GLN B 35 -1.91 38.68 22.31
C GLN B 35 -1.11 38.21 23.52
N ARG B 36 -1.73 37.41 24.39
N ARG B 36 -1.72 37.42 24.40
CA ARG B 36 -1.02 36.87 25.54
CA ARG B 36 -0.96 36.92 25.55
C ARG B 36 0.16 36.01 25.08
C ARG B 36 0.17 35.99 25.09
N VAL B 37 -0.07 35.14 24.10
CA VAL B 37 0.99 34.30 23.60
C VAL B 37 2.07 35.13 22.91
N LYS B 38 1.66 36.10 22.09
CA LYS B 38 2.62 36.91 21.37
C LYS B 38 3.49 37.70 22.34
N ARG B 39 2.84 38.31 23.35
CA ARG B 39 3.55 39.10 24.34
C ARG B 39 4.53 38.27 25.14
N SER B 40 4.20 37.00 25.39
CA SER B 40 5.01 36.16 26.27
C SER B 40 6.39 35.88 25.68
N GLU B 41 6.51 35.93 24.36
CA GLU B 41 7.75 35.60 23.67
C GLU B 41 8.15 34.15 23.88
N GLN B 42 7.19 33.28 24.27
CA GLN B 42 7.51 31.88 24.52
C GLN B 42 7.40 30.99 23.29
N LEU B 43 6.74 31.42 22.22
N LEU B 43 6.74 31.43 22.21
CA LEU B 43 6.63 30.59 21.01
CA LEU B 43 6.63 30.62 21.01
C LEU B 43 7.80 30.94 20.11
C LEU B 43 7.82 30.96 20.12
N THR B 44 8.93 30.30 20.40
CA THR B 44 10.22 30.63 19.79
C THR B 44 10.67 29.58 18.77
N PRO B 45 11.61 29.95 17.89
CA PRO B 45 12.21 28.92 17.01
C PRO B 45 12.83 27.78 17.80
N GLN B 46 13.48 28.08 18.92
CA GLN B 46 14.08 27.04 19.73
C GLN B 46 13.02 26.05 20.21
N LEU B 47 11.86 26.55 20.66
CA LEU B 47 10.81 25.66 21.10
C LEU B 47 10.36 24.75 19.98
N ILE B 48 10.02 25.34 18.83
CA ILE B 48 9.52 24.56 17.72
C ILE B 48 10.56 23.58 17.23
N ALA B 49 11.81 24.05 17.09
CA ALA B 49 12.85 23.16 16.59
C ALA B 49 13.03 21.94 17.50
N GLY B 50 13.04 22.16 18.83
CA GLY B 50 13.13 21.03 19.74
C GLY B 50 11.99 20.04 19.55
N LEU B 51 10.78 20.54 19.35
CA LEU B 51 9.62 19.67 19.20
C LEU B 51 9.68 18.87 17.91
N TYR B 52 10.29 19.42 16.87
CA TYR B 52 10.34 18.82 15.55
C TYR B 52 11.64 18.10 15.25
N ASN B 53 12.62 18.09 16.16
CA ASN B 53 13.90 17.44 15.91
C ASN B 53 14.60 18.06 14.70
N VAL B 54 14.66 19.40 14.68
CA VAL B 54 15.43 20.16 13.71
C VAL B 54 16.24 21.21 14.49
N LYS B 55 17.22 21.83 13.80
CA LYS B 55 17.99 22.92 14.39
C LYS B 55 17.17 24.21 14.35
N PRO B 56 17.36 25.11 15.33
CA PRO B 56 16.53 26.34 15.35
C PRO B 56 16.63 27.15 14.07
N ASP B 57 17.81 27.21 13.45
N ASP B 57 17.81 27.20 13.45
CA ASP B 57 17.97 27.95 12.20
CA ASP B 57 17.98 27.93 12.19
C ASP B 57 17.23 27.32 11.04
C ASP B 57 17.21 27.32 11.05
N PHE B 58 16.68 26.10 11.21
CA PHE B 58 15.87 25.48 10.17
C PHE B 58 14.49 26.11 10.08
N ILE B 59 13.99 26.66 11.19
CA ILE B 59 12.75 27.43 11.18
C ILE B 59 12.99 28.70 10.37
N HIS B 60 12.25 28.86 9.27
CA HIS B 60 12.51 29.98 8.38
C HIS B 60 11.85 31.27 8.88
N ARG B 61 10.57 31.20 9.24
CA ARG B 61 9.86 32.35 9.78
C ARG B 61 8.80 31.91 10.79
N ILE B 62 8.52 32.79 11.74
CA ILE B 62 7.33 32.73 12.57
C ILE B 62 6.59 34.05 12.35
N ILE B 63 5.41 33.98 11.79
CA ILE B 63 4.67 35.15 11.31
C ILE B 63 3.44 35.33 12.17
N TRP B 64 3.34 36.51 12.80
CA TRP B 64 2.22 36.84 13.70
C TRP B 64 1.25 37.63 12.85
N PHE B 65 0.16 37.01 12.45
CA PHE B 65 -0.82 37.59 11.55
C PHE B 65 -1.98 38.15 12.37
N ASP B 66 -1.87 39.43 12.70
CA ASP B 66 -2.83 40.04 13.60
C ASP B 66 -4.27 39.99 13.08
N PRO B 67 -4.56 40.21 11.79
CA PRO B 67 -5.96 40.21 11.36
C PRO B 67 -6.69 38.93 11.70
N ALA B 68 -5.99 37.80 11.84
CA ALA B 68 -6.62 36.50 12.06
C ALA B 68 -6.37 35.96 13.47
N ASN B 69 -5.71 36.71 14.35
CA ASN B 69 -5.25 36.16 15.63
C ASN B 69 -4.54 34.84 15.42
N ALA B 70 -3.63 34.81 14.46
CA ALA B 70 -3.05 33.57 13.99
C ALA B 70 -1.53 33.70 13.92
N VAL B 71 -0.85 32.58 14.10
N VAL B 71 -0.86 32.56 14.10
CA VAL B 71 0.58 32.54 13.85
CA VAL B 71 0.58 32.47 13.88
C VAL B 71 0.85 31.43 12.85
C VAL B 71 0.83 31.42 12.82
N LYS B 72 1.77 31.70 11.93
CA LYS B 72 2.22 30.74 10.93
C LYS B 72 3.70 30.47 11.12
N ILE B 73 4.05 29.20 11.25
CA ILE B 73 5.43 28.76 11.29
C ILE B 73 5.79 28.21 9.92
N VAL B 74 6.90 28.65 9.37
CA VAL B 74 7.33 28.25 8.04
C VAL B 74 8.68 27.56 8.12
N MET B 75 8.77 26.40 7.49
N MET B 75 8.75 26.33 7.59
CA MET B 75 10.06 25.75 7.37
CA MET B 75 10.02 25.63 7.45
C MET B 75 10.14 25.05 6.03
C MET B 75 10.13 25.03 6.05
N PRO B 76 11.34 24.84 5.53
CA PRO B 76 11.50 24.05 4.32
C PRO B 76 11.08 22.61 4.56
N ARG B 77 10.66 21.92 3.48
CA ARG B 77 10.41 20.47 3.56
C ARG B 77 11.77 19.83 3.35
N ASP B 78 12.13 18.94 4.30
CA ASP B 78 13.41 18.26 4.13
C ASP B 78 13.31 17.08 3.17
N ILE B 79 12.10 16.72 2.73
CA ILE B 79 11.86 15.87 1.57
C ILE B 79 10.87 16.62 0.69
N ILE B 80 11.29 16.97 -0.54
N ILE B 80 11.29 16.96 -0.55
CA ILE B 80 10.37 17.66 -1.44
CA ILE B 80 10.39 17.65 -1.47
C ILE B 80 9.16 16.79 -1.66
C ILE B 80 9.15 16.78 -1.68
N SER B 81 8.00 17.41 -1.77
CA SER B 81 6.73 16.70 -1.93
C SER B 81 6.80 15.74 -3.11
N GLY B 82 6.55 14.46 -2.82
CA GLY B 82 6.56 13.43 -3.84
C GLY B 82 7.91 12.85 -4.15
N ASN B 83 8.97 13.35 -3.54
CA ASN B 83 10.26 12.75 -3.77
C ASN B 83 10.29 11.33 -3.20
N VAL B 84 11.18 10.51 -3.76
CA VAL B 84 11.41 9.18 -3.19
C VAL B 84 11.71 9.33 -1.71
N GLY B 85 11.06 8.51 -0.89
CA GLY B 85 11.25 8.57 0.54
C GLY B 85 10.28 9.45 1.30
N ASP B 86 9.37 10.15 0.62
CA ASP B 86 8.44 11.01 1.31
C ASP B 86 7.54 10.23 2.26
N ASN B 87 7.05 10.92 3.27
CA ASN B 87 6.09 10.41 4.23
C ASN B 87 4.72 11.08 4.14
N ASP B 88 4.64 12.26 3.50
CA ASP B 88 3.40 13.05 3.59
C ASP B 88 3.40 14.02 2.41
N VAL B 89 2.90 13.53 1.26
CA VAL B 89 3.02 14.29 0.02
C VAL B 89 2.34 15.64 0.12
N TYR B 90 1.17 15.71 0.74
CA TYR B 90 0.42 16.96 0.83
C TYR B 90 0.84 17.81 2.02
N GLY B 91 1.72 17.29 2.87
CA GLY B 91 2.15 17.96 4.09
C GLY B 91 1.09 18.14 5.14
N ALA B 92 0.09 17.26 5.18
CA ALA B 92 -1.14 17.52 5.90
C ALA B 92 -1.20 17.01 7.33
N GLN B 93 -0.24 16.19 7.80
CA GLN B 93 -0.35 15.57 9.12
C GLN B 93 0.96 15.70 9.91
N GLN B 94 1.52 16.92 9.90
CA GLN B 94 2.79 17.21 10.57
C GLN B 94 2.63 18.09 11.79
N HIS B 95 1.41 18.23 12.30
CA HIS B 95 1.08 19.17 13.37
C HIS B 95 1.25 18.60 14.77
N ALA B 96 1.36 17.28 14.94
CA ALA B 96 1.21 16.70 16.28
C ALA B 96 2.19 17.23 17.31
N PRO B 97 3.46 17.51 17.01
CA PRO B 97 4.34 18.04 18.07
C PRO B 97 3.83 19.32 18.70
N LEU B 98 3.10 20.14 17.95
CA LEU B 98 2.58 21.38 18.54
C LEU B 98 1.56 21.09 19.65
N LEU B 99 0.90 19.92 19.62
CA LEU B 99 -0.10 19.60 20.62
C LEU B 99 0.47 19.43 22.03
N SER B 100 1.78 19.31 22.15
N SER B 100 1.77 19.30 22.18
CA SER B 100 2.46 19.20 23.44
CA SER B 100 2.37 19.20 23.51
C SER B 100 2.75 20.55 24.08
C SER B 100 2.75 20.56 24.10
N ILE B 101 2.55 21.64 23.37
CA ILE B 101 3.00 22.94 23.86
C ILE B 101 2.17 23.40 25.04
N GLU B 102 2.84 23.91 26.06
CA GLU B 102 2.18 24.53 27.19
C GLU B 102 2.91 25.83 27.46
N PHE B 103 2.17 26.87 27.80
CA PHE B 103 2.77 28.16 28.08
C PHE B 103 2.84 28.39 29.58
N ASP B 104 3.94 28.99 30.01
CA ASP B 104 4.11 29.32 31.43
C ASP B 104 3.48 30.69 31.66
N PHE B 105 2.15 30.68 31.65
CA PHE B 105 1.36 31.84 32.05
C PHE B 105 -0.08 31.49 32.45
N MET C 1 18.27 -48.52 2.65
CA MET C 1 19.24 -49.11 1.70
C MET C 1 20.52 -49.48 2.42
N ALA C 2 21.59 -48.72 2.19
CA ALA C 2 22.90 -49.08 2.71
C ALA C 2 23.67 -47.80 3.01
N ARG C 3 24.32 -47.81 4.14
CA ARG C 3 24.81 -46.58 4.71
C ARG C 3 23.71 -45.53 4.46
N THR C 4 23.94 -44.48 3.59
CA THR C 4 23.20 -43.23 3.75
C THR C 4 22.78 -42.62 2.42
N PHE C 5 21.82 -41.69 2.51
CA PHE C 5 21.38 -40.90 1.37
C PHE C 5 21.30 -39.45 1.83
N LYS C 6 22.09 -38.58 1.20
CA LYS C 6 22.23 -37.18 1.61
C LYS C 6 21.42 -36.29 0.67
N ILE C 7 20.48 -35.53 1.24
CA ILE C 7 19.65 -34.58 0.50
C ILE C 7 19.99 -33.16 0.91
N LEU C 8 20.30 -32.32 -0.09
CA LEU C 8 20.52 -30.89 0.13
C LEU C 8 19.29 -30.11 -0.31
N SER C 9 18.70 -29.39 0.64
CA SER C 9 17.61 -28.45 0.37
C SER C 9 18.16 -27.03 0.49
N PRO C 10 18.31 -26.28 -0.59
CA PRO C 10 19.10 -25.04 -0.50
C PRO C 10 18.36 -23.86 0.11
N THR C 11 17.04 -23.83 0.05
CA THR C 11 16.27 -22.64 0.40
C THR C 11 14.81 -23.08 0.59
N ALA C 12 14.04 -22.26 1.30
CA ALA C 12 12.69 -22.69 1.65
C ALA C 12 11.78 -22.76 0.45
N ILE C 13 11.91 -21.77 -0.45
CA ILE C 13 11.23 -21.74 -1.74
C ILE C 13 12.25 -21.31 -2.76
N LEU C 14 12.38 -22.04 -3.85
CA LEU C 14 13.28 -21.67 -4.92
C LEU C 14 13.06 -20.22 -5.33
N GLY C 15 14.12 -19.44 -5.28
CA GLY C 15 14.05 -18.01 -5.51
C GLY C 15 14.27 -17.19 -4.27
N TYR C 16 14.10 -17.77 -3.08
CA TYR C 16 14.30 -17.01 -1.84
C TYR C 16 15.76 -16.75 -1.55
N GLY C 17 16.67 -17.48 -2.18
CA GLY C 17 18.09 -17.25 -2.00
C GLY C 17 18.70 -18.02 -0.86
N PHE C 18 20.00 -17.84 -0.71
CA PHE C 18 20.80 -18.49 0.33
C PHE C 18 22.22 -17.94 0.26
N PRO C 19 22.98 -18.03 1.35
CA PRO C 19 24.37 -17.58 1.29
C PRO C 19 25.19 -18.52 0.42
N GLU C 20 25.99 -17.93 -0.48
CA GLU C 20 26.88 -18.73 -1.30
C GLU C 20 27.73 -19.69 -0.45
N GLU C 21 28.20 -19.20 0.69
CA GLU C 21 29.08 -20.01 1.53
C GLU C 21 28.37 -21.23 2.09
N SER C 22 27.09 -21.07 2.45
CA SER C 22 26.33 -22.20 2.96
C SER C 22 26.22 -23.26 1.88
N PHE C 23 25.93 -22.85 0.66
CA PHE C 23 25.78 -23.79 -0.43
C PHE C 23 27.12 -24.48 -0.73
N ARG C 24 28.20 -23.73 -0.74
CA ARG C 24 29.51 -24.32 -0.99
C ARG C 24 29.83 -25.37 0.07
N LYS C 25 29.60 -25.03 1.35
CA LYS C 25 29.84 -26.01 2.41
C LYS C 25 28.95 -27.24 2.26
N ALA C 26 27.68 -27.05 1.87
CA ALA C 26 26.80 -28.19 1.70
C ALA C 26 27.30 -29.10 0.59
N MET C 27 27.79 -28.52 -0.51
CA MET C 27 28.32 -29.34 -1.58
C MET C 27 29.55 -30.12 -1.14
N GLU C 28 30.35 -29.57 -0.22
CA GLU C 28 31.52 -30.30 0.27
C GLU C 28 31.11 -31.55 1.03
N ALA C 29 29.86 -31.62 1.49
CA ALA C 29 29.36 -32.82 2.16
C ALA C 29 28.87 -33.88 1.19
N SER C 30 28.95 -33.61 -0.11
CA SER C 30 28.67 -34.57 -1.18
C SER C 30 27.24 -35.08 -1.16
N PRO C 31 26.27 -34.22 -1.44
CA PRO C 31 24.89 -34.69 -1.50
C PRO C 31 24.69 -35.72 -2.59
N ASP C 32 23.72 -36.60 -2.37
CA ASP C 32 23.21 -37.51 -3.39
C ASP C 32 22.03 -36.92 -4.17
N LEU C 33 21.49 -35.78 -3.72
CA LEU C 33 20.34 -35.18 -4.35
C LEU C 33 20.32 -33.72 -3.93
N ILE C 34 20.06 -32.84 -4.89
CA ILE C 34 19.75 -31.43 -4.63
C ILE C 34 18.27 -31.28 -4.96
N ALA C 35 17.46 -30.97 -3.95
CA ALA C 35 16.02 -30.88 -4.16
C ALA C 35 15.50 -29.62 -3.51
N VAL C 36 14.42 -29.10 -4.07
CA VAL C 36 13.88 -27.85 -3.56
C VAL C 36 12.40 -27.77 -3.88
N ASP C 37 11.66 -27.13 -2.96
CA ASP C 37 10.30 -26.73 -3.25
C ASP C 37 10.33 -25.39 -3.95
N ALA C 38 9.56 -25.27 -5.03
CA ALA C 38 9.45 -24.01 -5.75
C ALA C 38 8.08 -23.36 -5.61
N GLY C 39 7.18 -23.89 -4.79
CA GLY C 39 5.87 -23.26 -4.69
C GLY C 39 5.00 -23.72 -3.54
N SER C 40 3.87 -23.03 -3.42
CA SER C 40 3.04 -23.02 -2.23
C SER C 40 1.70 -22.44 -2.60
N SER C 41 0.66 -22.80 -1.82
CA SER C 41 -0.63 -22.13 -1.84
C SER C 41 -0.74 -21.01 -0.81
N ASP C 42 0.19 -20.93 0.14
CA ASP C 42 0.07 -19.94 1.21
C ASP C 42 0.09 -18.48 0.73
N PRO C 43 0.73 -18.12 -0.37
CA PRO C 43 0.67 -16.72 -0.81
C PRO C 43 -0.70 -16.33 -1.32
N GLY C 44 -1.63 -17.24 -1.44
CA GLY C 44 -2.98 -16.92 -1.79
C GLY C 44 -3.28 -17.21 -3.23
N PRO C 45 -4.53 -16.98 -3.64
CA PRO C 45 -5.04 -17.55 -4.91
C PRO C 45 -4.67 -16.76 -6.15
N HIS C 46 -4.08 -15.57 -6.00
CA HIS C 46 -3.78 -14.79 -7.17
C HIS C 46 -2.84 -15.52 -8.10
N TYR C 47 -1.86 -16.22 -7.52
CA TYR C 47 -0.73 -16.68 -8.31
C TYR C 47 -1.14 -17.85 -9.20
N LEU C 48 -1.87 -18.81 -8.65
CA LEU C 48 -2.44 -19.86 -9.49
C LEU C 48 -3.48 -19.26 -10.43
N GLY C 49 -4.35 -18.39 -9.91
CA GLY C 49 -5.47 -17.90 -10.70
C GLY C 49 -5.05 -17.13 -11.92
N ALA C 50 -4.03 -16.28 -11.77
CA ALA C 50 -3.55 -15.40 -12.82
C ALA C 50 -2.38 -16.01 -13.59
N GLY C 51 -1.87 -17.15 -13.16
CA GLY C 51 -0.77 -17.73 -13.88
C GLY C 51 0.56 -17.07 -13.63
N LYS C 52 0.75 -16.48 -12.45
CA LYS C 52 1.93 -15.68 -12.16
C LYS C 52 2.75 -16.28 -11.02
N PRO C 53 4.06 -16.01 -10.99
CA PRO C 53 4.91 -16.43 -9.87
C PRO C 53 4.80 -15.53 -8.68
N PHE C 54 4.87 -16.10 -7.49
CA PHE C 54 5.06 -15.27 -6.30
C PHE C 54 6.54 -15.04 -5.99
N THR C 55 7.41 -15.81 -6.63
CA THR C 55 8.85 -15.65 -6.53
C THR C 55 9.35 -14.78 -7.69
N ASP C 56 10.58 -14.36 -7.58
CA ASP C 56 11.21 -13.42 -8.50
C ASP C 56 12.02 -14.14 -9.55
N ARG C 57 11.87 -13.76 -10.81
CA ARG C 57 12.62 -14.46 -11.86
C ARG C 57 14.12 -14.40 -11.62
N ALA C 58 14.64 -13.23 -11.26
CA ALA C 58 16.08 -13.08 -11.05
C ALA C 58 16.54 -13.93 -9.88
N GLY C 59 15.75 -13.98 -8.80
CA GLY C 59 16.10 -14.83 -7.66
C GLY C 59 16.06 -16.29 -8.01
N VAL C 60 15.02 -16.72 -8.73
CA VAL C 60 14.93 -18.11 -9.13
C VAL C 60 16.12 -18.48 -10.00
N LYS C 61 16.45 -17.61 -10.95
CA LYS C 61 17.57 -17.87 -11.85
C LYS C 61 18.88 -17.93 -11.08
N ARG C 62 19.07 -17.02 -10.13
CA ARG C 62 20.27 -17.01 -9.33
C ARG C 62 20.42 -18.30 -8.53
N ASP C 63 19.34 -18.74 -7.88
CA ASP C 63 19.39 -19.95 -7.07
C ASP C 63 19.62 -21.18 -7.95
N LEU C 64 18.89 -21.27 -9.07
CA LEU C 64 19.06 -22.42 -9.93
C LEU C 64 20.44 -22.48 -10.55
N ARG C 65 21.08 -21.33 -10.80
CA ARG C 65 22.42 -21.37 -11.37
C ARG C 65 23.36 -22.16 -10.47
N TYR C 66 23.32 -21.87 -9.17
CA TYR C 66 24.15 -22.63 -8.25
C TYR C 66 23.80 -24.11 -8.29
N MET C 67 22.51 -24.41 -8.29
CA MET C 67 22.05 -25.79 -8.14
C MET C 67 22.34 -26.62 -9.38
N ILE C 68 22.03 -26.08 -10.55
CA ILE C 68 22.21 -26.86 -11.78
C ILE C 68 23.68 -26.97 -12.15
N VAL C 69 24.46 -25.91 -11.96
CA VAL C 69 25.91 -26.06 -12.18
C VAL C 69 26.47 -27.16 -11.29
N ALA C 70 26.11 -27.14 -9.99
CA ALA C 70 26.62 -28.17 -9.08
C ALA C 70 26.11 -29.55 -9.43
N GLY C 71 24.82 -29.68 -9.75
CA GLY C 71 24.28 -31.00 -10.01
C GLY C 71 24.92 -31.61 -11.24
N VAL C 72 25.03 -30.83 -12.30
CA VAL C 72 25.57 -31.37 -13.55
C VAL C 72 27.04 -31.71 -13.39
N LYS C 73 27.79 -30.84 -12.72
CA LYS C 73 29.21 -31.04 -12.51
C LYS C 73 29.49 -32.35 -11.78
N ASN C 74 28.69 -32.64 -10.75
CA ASN C 74 28.97 -33.76 -9.85
C ASN C 74 28.05 -34.95 -10.08
N ASN C 75 27.26 -34.93 -11.15
N ASN C 75 27.25 -34.93 -11.15
CA ASN C 75 26.36 -36.04 -11.46
CA ASN C 75 26.35 -36.02 -11.48
C ASN C 75 25.42 -36.32 -10.29
C ASN C 75 25.40 -36.32 -10.31
N ILE C 76 24.79 -35.26 -9.79
CA ILE C 76 23.82 -35.32 -8.70
C ILE C 76 22.50 -34.82 -9.28
N PRO C 77 21.42 -35.60 -9.25
N PRO C 77 21.42 -35.59 -9.20
CA PRO C 77 20.15 -35.09 -9.76
CA PRO C 77 20.14 -35.08 -9.73
C PRO C 77 19.66 -33.86 -9.00
C PRO C 77 19.66 -33.85 -8.98
N VAL C 78 18.98 -32.98 -9.72
CA VAL C 78 18.33 -31.80 -9.18
C VAL C 78 16.84 -31.99 -9.39
N VAL C 79 16.06 -31.94 -8.32
CA VAL C 79 14.62 -32.20 -8.38
C VAL C 79 13.87 -31.02 -7.78
N ILE C 80 12.85 -30.54 -8.51
CA ILE C 80 12.11 -29.33 -8.18
C ILE C 80 10.62 -29.65 -8.20
N GLY C 81 9.92 -29.29 -7.12
CA GLY C 81 8.46 -29.44 -7.07
C GLY C 81 7.74 -28.11 -7.12
N THR C 82 6.54 -28.12 -7.72
CA THR C 82 5.73 -26.89 -7.84
C THR C 82 6.53 -25.77 -8.52
N ALA C 83 7.06 -26.09 -9.70
CA ALA C 83 7.81 -25.12 -10.48
C ALA C 83 7.05 -23.81 -10.63
N GLY C 84 7.80 -22.71 -10.52
CA GLY C 84 7.27 -21.40 -10.82
C GLY C 84 6.27 -20.84 -9.83
N GLY C 85 6.24 -21.37 -8.61
CA GLY C 85 5.44 -20.84 -7.54
C GLY C 85 4.11 -21.57 -7.35
N SER C 86 3.41 -21.86 -8.45
CA SER C 86 2.12 -22.52 -8.33
C SER C 86 2.02 -23.81 -9.13
N GLY C 87 2.93 -24.06 -10.06
CA GLY C 87 3.01 -25.36 -10.71
C GLY C 87 1.98 -25.67 -11.77
N ALA C 88 1.26 -24.66 -12.27
CA ALA C 88 0.40 -24.88 -13.44
C ALA C 88 1.23 -24.67 -14.70
N ALA C 89 0.61 -24.90 -15.84
CA ALA C 89 1.35 -24.80 -17.10
C ALA C 89 2.16 -23.52 -17.26
N PRO C 90 1.62 -22.32 -17.03
CA PRO C 90 2.46 -21.12 -17.23
C PRO C 90 3.61 -21.05 -16.26
N HIS C 91 3.42 -21.54 -15.02
CA HIS C 91 4.48 -21.51 -14.03
C HIS C 91 5.61 -22.46 -14.40
N LEU C 92 5.23 -23.65 -14.86
CA LEU C 92 6.20 -24.63 -15.30
C LEU C 92 6.99 -24.09 -16.48
N GLU C 93 6.31 -23.49 -17.45
CA GLU C 93 7.01 -22.95 -18.61
C GLU C 93 7.94 -21.81 -18.21
N TRP C 94 7.52 -20.95 -17.28
CA TRP C 94 8.38 -19.86 -16.85
C TRP C 94 9.67 -20.38 -16.27
N CYS C 95 9.59 -21.40 -15.41
CA CYS C 95 10.79 -21.95 -14.81
C CYS C 95 11.63 -22.68 -15.85
N ARG C 96 10.97 -23.37 -16.78
CA ARG C 96 11.67 -24.05 -17.86
C ARG C 96 12.54 -23.07 -18.64
N GLN C 97 11.99 -21.89 -18.98
CA GLN C 97 12.74 -20.92 -19.75
C GLN C 97 13.95 -20.42 -18.97
N ILE C 98 13.81 -20.22 -17.66
CA ILE C 98 14.94 -19.82 -16.83
C ILE C 98 16.05 -20.86 -16.95
N ILE C 99 15.70 -22.14 -16.87
CA ILE C 99 16.70 -23.20 -16.92
C ILE C 99 17.39 -23.25 -18.28
N HIS C 100 16.64 -23.05 -19.37
CA HIS C 100 17.30 -22.96 -20.67
C HIS C 100 18.34 -21.85 -20.70
N GLU C 101 18.01 -20.70 -20.11
CA GLU C 101 18.96 -19.58 -20.12
C GLU C 101 20.21 -19.93 -19.32
N ILE C 102 20.06 -20.62 -18.20
CA ILE C 102 21.23 -21.00 -17.42
C ILE C 102 22.13 -21.90 -18.25
N ALA C 103 21.55 -22.88 -18.96
CA ALA C 103 22.36 -23.75 -19.79
C ALA C 103 23.08 -22.98 -20.88
N GLN C 104 22.40 -21.98 -21.47
CA GLN C 104 23.02 -21.14 -22.47
C GLN C 104 24.16 -20.33 -21.89
N GLU C 105 23.99 -19.78 -20.69
CA GLU C 105 25.02 -18.90 -20.12
C GLU C 105 26.19 -19.66 -19.56
N GLU C 106 25.97 -20.85 -19.01
CA GLU C 106 27.03 -21.64 -18.39
C GLU C 106 27.55 -22.72 -19.32
N LYS C 107 27.00 -22.82 -20.52
CA LYS C 107 27.47 -23.74 -21.55
C LYS C 107 27.34 -25.19 -21.08
N LEU C 108 26.14 -25.52 -20.58
CA LEU C 108 25.84 -26.83 -20.03
C LEU C 108 24.94 -27.62 -20.97
N SER C 109 25.08 -28.94 -20.91
CA SER C 109 24.17 -29.87 -21.58
C SER C 109 23.69 -30.89 -20.57
N PHE C 110 22.37 -31.10 -20.50
CA PHE C 110 21.81 -32.07 -19.57
C PHE C 110 20.40 -32.43 -20.03
N SER C 111 19.94 -33.60 -19.57
CA SER C 111 18.55 -33.97 -19.78
C SER C 111 17.69 -33.36 -18.67
N MET C 112 16.54 -32.83 -19.06
CA MET C 112 15.58 -32.28 -18.12
C MET C 112 14.20 -32.86 -18.37
N ALA C 113 13.60 -33.42 -17.34
CA ALA C 113 12.23 -33.89 -17.41
C ALA C 113 11.29 -32.80 -16.95
N LEU C 114 10.18 -32.67 -17.66
CA LEU C 114 9.08 -31.78 -17.28
C LEU C 114 7.90 -32.66 -16.91
N ILE C 115 7.24 -32.36 -15.81
CA ILE C 115 6.11 -33.15 -15.33
C ILE C 115 4.94 -32.21 -15.06
N PRO C 116 4.04 -32.01 -16.02
CA PRO C 116 2.91 -31.13 -15.75
C PRO C 116 1.87 -31.73 -14.82
N SER C 117 1.18 -30.83 -14.12
CA SER C 117 0.18 -31.17 -13.12
C SER C 117 -1.19 -30.61 -13.44
N ASP C 118 -1.36 -30.01 -14.62
CA ASP C 118 -2.64 -29.44 -14.99
C ASP C 118 -3.70 -30.50 -15.19
N VAL C 119 -4.92 -30.19 -14.77
CA VAL C 119 -6.07 -31.10 -14.89
C VAL C 119 -7.18 -30.41 -15.68
N ASP C 120 -7.63 -31.05 -16.73
CA ASP C 120 -8.68 -30.46 -17.54
C ASP C 120 -9.99 -30.41 -16.77
N LYS C 121 -10.74 -29.33 -16.96
N LYS C 121 -10.74 -29.33 -16.96
CA LYS C 121 -12.02 -29.17 -16.27
CA LYS C 121 -12.02 -29.17 -16.27
C LYS C 121 -12.95 -30.36 -16.52
C LYS C 121 -12.95 -30.36 -16.52
N ALA C 122 -12.91 -30.94 -17.72
CA ALA C 122 -13.82 -32.05 -18.03
C ALA C 122 -13.61 -33.20 -17.06
N ILE C 123 -12.36 -33.47 -16.69
CA ILE C 123 -12.07 -34.53 -15.74
C ILE C 123 -12.70 -34.22 -14.39
N VAL C 124 -12.63 -32.96 -13.97
CA VAL C 124 -13.15 -32.62 -12.66
C VAL C 124 -14.67 -32.66 -12.65
N HIS C 125 -15.29 -32.13 -13.71
CA HIS C 125 -16.74 -32.20 -13.82
C HIS C 125 -17.21 -33.65 -13.76
N GLN C 126 -16.56 -34.53 -14.52
CA GLN C 126 -16.96 -35.94 -14.54
C GLN C 126 -16.78 -36.57 -13.16
N ALA C 127 -15.66 -36.27 -12.49
CA ALA C 127 -15.42 -36.83 -11.17
C ALA C 127 -16.47 -36.37 -10.17
N LEU C 128 -16.90 -35.11 -10.28
CA LEU C 128 -17.89 -34.61 -9.36
C LEU C 128 -19.17 -35.41 -9.50
N ASP C 129 -19.61 -35.62 -10.74
CA ASP C 129 -20.87 -36.33 -10.96
C ASP C 129 -20.75 -37.79 -10.57
N ASN C 130 -19.56 -38.37 -10.64
CA ASN C 130 -19.34 -39.78 -10.36
C ASN C 130 -19.02 -40.04 -8.89
N GLY C 131 -19.10 -39.01 -8.06
CA GLY C 131 -18.88 -39.20 -6.65
C GLY C 131 -17.44 -39.37 -6.23
N LYS C 132 -16.49 -38.87 -7.03
CA LYS C 132 -15.07 -39.08 -6.80
C LYS C 132 -14.36 -37.85 -6.20
N ILE C 133 -15.10 -36.82 -5.81
CA ILE C 133 -14.54 -35.62 -5.21
C ILE C 133 -14.90 -35.58 -3.73
N THR C 134 -13.93 -35.21 -2.90
CA THR C 134 -14.13 -35.04 -1.47
C THR C 134 -13.56 -33.69 -1.04
N ALA C 135 -14.38 -32.88 -0.39
CA ALA C 135 -13.88 -31.64 0.17
C ALA C 135 -12.96 -31.88 1.35
N LEU C 136 -11.89 -31.12 1.44
CA LEU C 136 -11.06 -31.12 2.64
C LEU C 136 -11.77 -30.40 3.78
N ASP C 137 -11.15 -30.41 4.97
CA ASP C 137 -11.84 -29.85 6.13
C ASP C 137 -12.21 -28.39 5.91
N PHE C 138 -13.45 -28.04 6.22
CA PHE C 138 -14.00 -26.70 6.16
C PHE C 138 -14.13 -26.15 4.75
N VAL C 139 -13.86 -26.96 3.74
CA VAL C 139 -13.99 -26.52 2.34
C VAL C 139 -15.44 -26.69 1.88
N PRO C 140 -16.01 -25.71 1.18
CA PRO C 140 -17.37 -25.87 0.66
C PRO C 140 -17.46 -27.01 -0.35
N GLU C 141 -18.65 -27.58 -0.47
N GLU C 141 -18.64 -27.61 -0.44
CA GLU C 141 -18.83 -28.63 -1.45
CA GLU C 141 -18.82 -28.64 -1.44
C GLU C 141 -18.62 -28.05 -2.85
C GLU C 141 -18.60 -28.05 -2.83
N LEU C 142 -17.96 -28.83 -3.70
CA LEU C 142 -17.63 -28.38 -5.04
C LEU C 142 -18.86 -28.40 -5.93
N THR C 143 -19.00 -27.38 -6.79
CA THR C 143 -20.09 -27.32 -7.75
C THR C 143 -19.54 -27.23 -9.17
N HIS C 144 -20.41 -27.55 -10.13
CA HIS C 144 -20.00 -27.42 -11.53
C HIS C 144 -19.71 -25.97 -11.89
N GLU C 145 -20.49 -25.04 -11.36
CA GLU C 145 -20.23 -23.63 -11.64
C GLU C 145 -18.84 -23.21 -11.14
N ALA C 146 -18.45 -23.70 -9.96
CA ALA C 146 -17.13 -23.34 -9.43
C ALA C 146 -16.02 -23.92 -10.30
N ILE C 147 -16.19 -25.15 -10.78
CA ILE C 147 -15.21 -25.73 -11.69
C ILE C 147 -15.09 -24.89 -12.95
N GLU C 148 -16.23 -24.58 -13.56
CA GLU C 148 -16.23 -23.90 -14.85
C GLU C 148 -15.64 -22.50 -14.75
N GLU C 149 -15.85 -21.82 -13.63
CA GLU C 149 -15.35 -20.46 -13.49
C GLU C 149 -13.93 -20.40 -12.95
N SER C 150 -13.33 -21.55 -12.64
CA SER C 150 -11.93 -21.55 -12.25
C SER C 150 -11.06 -21.33 -13.48
N THR C 151 -9.82 -20.89 -13.25
CA THR C 151 -8.85 -20.76 -14.34
C THR C 151 -8.02 -22.05 -14.35
N TYR C 152 -6.73 -21.98 -14.03
CA TYR C 152 -5.85 -23.14 -14.01
C TYR C 152 -6.22 -24.06 -12.85
N ILE C 153 -6.36 -25.36 -13.13
CA ILE C 153 -6.61 -26.36 -12.10
C ILE C 153 -5.40 -27.29 -12.08
N VAL C 154 -4.84 -27.50 -10.89
CA VAL C 154 -3.67 -28.38 -10.76
C VAL C 154 -3.91 -29.42 -9.67
N ALA C 155 -3.22 -30.55 -9.81
CA ALA C 155 -3.18 -31.61 -8.80
C ALA C 155 -1.78 -31.73 -8.21
N GLN C 156 -1.72 -31.98 -6.90
CA GLN C 156 -0.42 -32.15 -6.23
C GLN C 156 0.09 -33.57 -6.39
N MET C 157 1.11 -33.75 -7.22
CA MET C 157 1.65 -35.07 -7.47
C MET C 157 2.42 -35.61 -6.25
N GLY C 158 2.52 -36.92 -6.19
CA GLY C 158 3.31 -37.63 -5.23
C GLY C 158 4.67 -38.04 -5.75
N ILE C 159 5.23 -39.10 -5.16
CA ILE C 159 6.61 -39.48 -5.50
C ILE C 159 6.73 -40.15 -6.86
N GLU C 160 5.68 -40.84 -7.30
CA GLU C 160 5.85 -41.75 -8.40
C GLU C 160 6.20 -41.08 -9.73
N PRO C 161 5.60 -39.93 -10.08
CA PRO C 161 5.99 -39.30 -11.35
C PRO C 161 7.45 -38.89 -11.34
N PHE C 162 7.94 -38.38 -10.20
CA PHE C 162 9.35 -38.03 -10.10
C PHE C 162 10.22 -39.27 -10.32
N GLN C 163 9.82 -40.40 -9.73
CA GLN C 163 10.59 -41.64 -9.84
C GLN C 163 10.70 -42.10 -11.29
N ARG C 164 9.60 -42.04 -12.04
CA ARG C 164 9.67 -42.48 -13.43
C ARG C 164 10.61 -41.59 -14.24
N ALA C 165 10.57 -40.27 -13.99
CA ALA C 165 11.48 -39.37 -14.69
C ALA C 165 12.94 -39.63 -14.32
N LEU C 166 13.21 -39.82 -13.03
CA LEU C 166 14.59 -40.12 -12.61
C LEU C 166 15.08 -41.45 -13.18
N ALA C 167 14.22 -42.46 -13.20
CA ALA C 167 14.59 -43.78 -13.72
C ALA C 167 14.95 -43.71 -15.21
N ALA C 168 14.37 -42.75 -15.94
CA ALA C 168 14.67 -42.55 -17.34
C ALA C 168 15.93 -41.72 -17.58
N GLY C 169 16.64 -41.34 -16.51
CA GLY C 169 17.93 -40.71 -16.63
C GLY C 169 17.89 -39.20 -16.55
N ALA C 170 16.76 -38.61 -16.21
CA ALA C 170 16.69 -37.17 -16.13
C ALA C 170 17.67 -36.64 -15.11
N GLN C 171 18.50 -35.66 -15.51
CA GLN C 171 19.46 -35.04 -14.60
C GLN C 171 18.85 -33.89 -13.81
N VAL C 172 17.86 -33.23 -14.41
CA VAL C 172 17.08 -32.18 -13.76
C VAL C 172 15.63 -32.60 -13.93
N VAL C 173 14.88 -32.61 -12.83
CA VAL C 173 13.45 -32.93 -12.90
C VAL C 173 12.67 -31.71 -12.47
N LEU C 174 11.90 -31.15 -13.38
CA LEU C 174 11.11 -29.95 -13.14
C LEU C 174 9.65 -30.36 -13.05
N GLY C 175 9.18 -30.53 -11.81
CA GLY C 175 7.80 -30.95 -11.57
C GLY C 175 6.87 -29.74 -11.46
N GLY C 176 5.66 -29.90 -12.00
CA GLY C 176 4.56 -29.00 -11.71
C GLY C 176 4.09 -29.18 -10.27
N ARG C 177 2.88 -28.73 -9.97
CA ARG C 177 2.37 -28.76 -8.61
C ARG C 177 2.57 -30.13 -7.98
N ALA C 178 3.16 -30.15 -6.79
CA ALA C 178 3.61 -31.39 -6.16
C ALA C 178 3.43 -31.27 -4.65
N TYR C 179 3.19 -32.42 -4.03
CA TYR C 179 3.25 -32.51 -2.57
C TYR C 179 4.68 -32.29 -2.12
N ASP C 180 4.88 -31.29 -1.25
CA ASP C 180 6.23 -30.82 -0.97
C ASP C 180 7.21 -31.94 -0.58
N PRO C 181 6.87 -32.86 0.32
CA PRO C 181 7.87 -33.87 0.74
C PRO C 181 8.29 -34.78 -0.40
N ALA C 182 7.44 -34.94 -1.43
CA ALA C 182 7.71 -35.91 -2.48
C ALA C 182 8.92 -35.54 -3.34
N CYS C 183 9.16 -34.24 -3.54
N CYS C 183 9.19 -34.26 -3.59
CA CYS C 183 10.34 -33.77 -4.25
CA CYS C 183 10.37 -33.98 -4.41
C CYS C 183 11.57 -34.41 -3.65
C CYS C 183 11.67 -34.31 -3.67
N PHE C 184 11.64 -34.41 -2.33
CA PHE C 184 12.80 -34.85 -1.58
C PHE C 184 12.86 -36.37 -1.46
N ALA C 185 11.73 -37.01 -1.28
CA ALA C 185 11.68 -38.42 -0.92
C ALA C 185 11.71 -39.38 -2.10
N ALA C 186 11.36 -38.93 -3.29
CA ALA C 186 11.17 -39.85 -4.40
C ALA C 186 12.43 -40.66 -4.69
N LEU C 187 13.58 -39.98 -4.82
CA LEU C 187 14.80 -40.69 -5.14
C LEU C 187 15.29 -41.65 -4.04
N PRO C 188 15.43 -41.24 -2.78
CA PRO C 188 15.86 -42.23 -1.78
C PRO C 188 14.92 -43.42 -1.70
N ILE C 189 13.61 -43.21 -1.88
CA ILE C 189 12.71 -44.35 -1.82
C ILE C 189 12.98 -45.32 -2.96
N MET C 190 13.24 -44.82 -4.15
CA MET C 190 13.51 -45.74 -5.26
C MET C 190 14.83 -46.46 -5.07
N GLN C 191 15.72 -45.93 -4.22
CA GLN C 191 16.99 -46.56 -3.91
C GLN C 191 16.89 -47.44 -2.67
N GLY C 192 15.69 -47.67 -2.16
CA GLY C 192 15.50 -48.64 -1.12
C GLY C 192 15.42 -48.10 0.29
N PHE C 193 15.54 -46.79 0.48
CA PHE C 193 15.38 -46.21 1.80
C PHE C 193 13.91 -46.19 2.20
N ASP C 194 13.67 -46.23 3.50
CA ASP C 194 12.32 -46.41 4.00
C ASP C 194 11.40 -45.24 3.63
N GLU C 195 10.19 -45.57 3.20
CA GLU C 195 9.27 -44.54 2.74
C GLU C 195 8.87 -43.57 3.87
N GLY C 196 8.57 -44.09 5.06
CA GLY C 196 8.16 -43.20 6.13
C GLY C 196 9.28 -42.28 6.55
N LEU C 197 10.49 -42.81 6.73
CA LEU C 197 11.61 -41.95 7.07
C LEU C 197 11.88 -40.93 5.97
N ALA C 198 11.84 -41.36 4.71
CA ALA C 198 12.17 -40.43 3.64
C ALA C 198 11.14 -39.33 3.49
N LEU C 199 9.85 -39.66 3.65
CA LEU C 199 8.82 -38.65 3.56
C LEU C 199 8.87 -37.70 4.75
N HIS C 200 9.14 -38.21 5.95
CA HIS C 200 9.25 -37.32 7.08
C HIS C 200 10.47 -36.42 6.92
N CYS C 201 11.57 -36.98 6.42
CA CYS C 201 12.75 -36.18 6.15
C CYS C 201 12.41 -35.06 5.16
N GLY C 202 11.68 -35.43 4.11
CA GLY C 202 11.25 -34.41 3.15
C GLY C 202 10.38 -33.34 3.77
N LYS C 203 9.47 -33.75 4.67
N LYS C 203 9.51 -33.74 4.69
CA LYS C 203 8.62 -32.80 5.37
CA LYS C 203 8.65 -32.76 5.33
C LYS C 203 9.43 -31.84 6.22
C LYS C 203 9.46 -31.81 6.19
N ILE C 204 10.51 -32.32 6.85
CA ILE C 204 11.33 -31.45 7.69
C ILE C 204 12.22 -30.55 6.85
N LEU C 205 12.66 -31.02 5.65
CA LEU C 205 13.54 -30.28 4.74
C LEU C 205 12.79 -29.38 3.78
N GLU C 206 11.45 -29.46 3.76
N GLU C 206 11.46 -29.47 3.70
CA GLU C 206 10.65 -28.80 2.73
CA GLU C 206 10.76 -28.80 2.61
C GLU C 206 10.87 -27.29 2.71
C GLU C 206 10.85 -27.28 2.70
N CYS C 207 11.25 -26.72 3.84
CA CYS C 207 11.49 -25.29 3.96
C CYS C 207 12.92 -24.99 4.36
N ALA C 208 13.84 -25.92 4.10
CA ALA C 208 15.27 -25.75 4.35
C ALA C 208 15.46 -25.22 5.78
N ALA C 209 16.18 -24.12 5.97
CA ALA C 209 16.54 -23.67 7.31
C ALA C 209 15.41 -23.01 8.10
N ILE C 210 14.16 -23.01 7.64
CA ILE C 210 13.08 -22.67 8.56
C ILE C 210 13.03 -23.70 9.70
N ALA C 211 13.53 -24.91 9.45
CA ALA C 211 13.54 -25.97 10.45
C ALA C 211 14.74 -25.90 11.38
N ALA C 212 15.67 -24.97 11.14
CA ALA C 212 16.78 -24.69 12.01
C ALA C 212 16.46 -23.51 12.92
N THR C 213 17.39 -23.18 13.81
CA THR C 213 17.20 -22.05 14.70
C THR C 213 18.52 -21.33 14.95
N PRO C 214 18.52 -19.99 14.89
CA PRO C 214 17.44 -19.11 14.42
C PRO C 214 17.12 -19.52 12.99
N GLY C 215 15.84 -19.48 12.64
CA GLY C 215 15.43 -19.93 11.33
C GLY C 215 15.76 -18.94 10.23
N SER C 216 15.74 -19.44 9.01
CA SER C 216 15.86 -18.58 7.83
C SER C 216 15.11 -19.25 6.70
N GLY C 217 14.34 -18.44 5.95
CA GLY C 217 13.75 -18.94 4.72
C GLY C 217 14.73 -19.00 3.59
N SER C 218 15.97 -18.57 3.85
N SER C 218 15.96 -18.54 3.78
CA SER C 218 17.01 -18.36 2.85
CA SER C 218 16.95 -18.53 2.72
C SER C 218 18.33 -18.95 3.30
C SER C 218 18.31 -18.98 3.25
N ASP C 219 18.34 -20.23 3.71
CA ASP C 219 19.59 -20.87 4.10
C ASP C 219 19.40 -22.37 3.94
N CYS C 220 20.52 -23.08 3.79
CA CYS C 220 20.52 -24.48 3.37
C CYS C 220 20.38 -25.44 4.54
N ALA C 221 19.80 -26.60 4.24
CA ALA C 221 19.73 -27.69 5.20
C ALA C 221 19.98 -29.00 4.47
N MET C 222 20.46 -30.01 5.22
CA MET C 222 20.69 -31.34 4.70
C MET C 222 20.06 -32.35 5.62
N GLY C 223 19.45 -33.36 5.00
CA GLY C 223 19.03 -34.55 5.69
C GLY C 223 19.84 -35.75 5.19
N ILE C 224 20.31 -36.56 6.13
CA ILE C 224 21.08 -37.76 5.82
C ILE C 224 20.25 -38.95 6.31
N ILE C 225 19.63 -39.66 5.38
CA ILE C 225 18.79 -40.81 5.70
C ILE C 225 19.69 -42.03 5.82
N ASP C 226 19.50 -42.80 6.89
CA ASP C 226 20.10 -44.12 7.04
C ASP C 226 18.98 -45.13 7.24
N ASP C 227 19.32 -46.38 7.48
CA ASP C 227 18.22 -47.34 7.53
C ASP C 227 17.45 -47.31 8.85
N SER C 228 17.89 -46.54 9.82
CA SER C 228 17.16 -46.46 11.08
C SER C 228 16.58 -45.09 11.39
N GLY C 229 16.88 -44.06 10.60
CA GLY C 229 16.46 -42.71 10.94
C GLY C 229 17.11 -41.73 10.00
N PHE C 230 17.03 -40.45 10.35
CA PHE C 230 17.69 -39.43 9.54
C PHE C 230 18.27 -38.33 10.41
N THR C 231 19.40 -37.79 9.97
CA THR C 231 20.11 -36.72 10.64
C THR C 231 19.91 -35.43 9.86
N LEU C 232 19.71 -34.35 10.59
CA LEU C 232 19.47 -33.03 10.04
C LEU C 232 20.61 -32.10 10.45
N LYS C 233 21.09 -31.32 9.49
CA LYS C 233 22.15 -30.35 9.78
C LYS C 233 22.01 -29.11 8.90
N ALA C 234 22.57 -28.02 9.38
CA ALA C 234 22.72 -26.81 8.60
C ALA C 234 24.20 -26.61 8.25
N PHE C 235 24.49 -25.53 7.50
CA PHE C 235 25.84 -25.22 7.02
C PHE C 235 26.21 -23.78 7.27
N ASN C 236 25.69 -23.23 8.33
CA ASN C 236 25.93 -21.85 8.73
C ASN C 236 26.20 -21.90 10.22
N PRO C 237 27.38 -21.47 10.68
CA PRO C 237 27.68 -21.57 12.12
C PRO C 237 26.71 -20.83 13.00
N LYS C 238 25.93 -19.90 12.47
CA LYS C 238 25.00 -19.21 13.34
C LYS C 238 23.67 -19.94 13.47
N ARG C 239 23.49 -21.07 12.80
CA ARG C 239 22.25 -21.81 12.85
C ARG C 239 22.53 -23.24 13.27
N LYS C 240 21.56 -23.82 13.95
CA LYS C 240 21.67 -25.21 14.38
C LYS C 240 20.32 -25.87 14.22
N PHE C 241 20.33 -27.20 14.09
CA PHE C 241 19.11 -27.97 14.29
C PHE C 241 19.05 -28.37 15.76
N THR C 242 17.89 -28.20 16.37
CA THR C 242 17.65 -28.66 17.73
C THR C 242 16.41 -29.55 17.75
N GLU C 243 16.21 -30.26 18.86
CA GLU C 243 15.00 -31.06 18.99
C GLU C 243 13.75 -30.21 18.79
N THR C 244 13.74 -29.00 19.35
CA THR C 244 12.57 -28.15 19.21
C THR C 244 12.41 -27.63 17.79
N SER C 245 13.51 -27.23 17.14
CA SER C 245 13.40 -26.66 15.81
C SER C 245 12.93 -27.69 14.79
N ALA C 246 13.45 -28.91 14.90
CA ALA C 246 13.05 -29.99 14.00
C ALA C 246 11.63 -30.46 14.28
N ALA C 247 11.27 -30.62 15.56
CA ALA C 247 9.91 -31.00 15.91
C ALA C 247 8.91 -29.91 15.52
N ALA C 248 9.27 -28.63 15.69
CA ALA C 248 8.41 -27.56 15.24
C ALA C 248 8.12 -27.72 13.75
N HIS C 249 9.12 -28.11 12.98
CA HIS C 249 8.86 -28.19 11.56
C HIS C 249 8.02 -29.38 11.18
N THR C 250 7.96 -30.40 12.04
CA THR C 250 7.01 -31.48 11.84
C THR C 250 5.57 -30.98 12.02
N LEU C 251 5.35 -29.99 12.91
CA LEU C 251 4.03 -29.38 13.09
C LEU C 251 3.66 -28.38 12.00
N TYR C 252 4.67 -27.81 11.35
CA TYR C 252 4.51 -26.62 10.52
C TYR C 252 3.49 -26.83 9.43
N GLU C 253 2.48 -25.95 9.43
CA GLU C 253 1.46 -25.87 8.38
C GLU C 253 0.60 -27.13 8.26
N LYS C 254 0.51 -27.95 9.31
CA LYS C 254 -0.30 -29.16 9.31
C LYS C 254 -1.41 -29.06 10.34
N SER C 255 -2.51 -29.75 10.05
N SER C 255 -2.52 -29.72 10.08
CA SER C 255 -3.67 -29.78 10.90
CA SER C 255 -3.63 -29.68 11.02
C SER C 255 -3.58 -30.80 12.02
C SER C 255 -3.60 -30.82 12.03
N ASP C 256 -2.71 -31.81 11.89
CA ASP C 256 -2.58 -32.84 12.92
C ASP C 256 -1.16 -33.42 12.85
N PRO C 257 -0.30 -33.12 13.83
CA PRO C 257 1.10 -33.56 13.72
C PRO C 257 1.26 -35.07 13.81
N TYR C 258 0.24 -35.79 14.29
CA TYR C 258 0.36 -37.24 14.37
C TYR C 258 0.17 -37.90 13.03
N PHE C 259 -0.60 -37.28 12.12
CA PHE C 259 -1.01 -37.93 10.86
C PHE C 259 -0.94 -36.90 9.73
N LEU C 260 0.05 -37.05 8.84
CA LEU C 260 0.28 -36.08 7.76
C LEU C 260 -0.15 -36.73 6.46
N PRO C 261 -1.29 -36.36 5.89
CA PRO C 261 -1.77 -37.02 4.67
C PRO C 261 -1.18 -36.43 3.41
N GLY C 262 -1.00 -37.28 2.42
CA GLY C 262 -0.56 -36.87 1.12
C GLY C 262 -0.99 -37.91 0.11
N PRO C 263 -0.59 -37.75 -1.14
CA PRO C 263 -1.00 -38.69 -2.20
C PRO C 263 -0.40 -40.08 -1.95
N GLY C 264 -1.28 -41.04 -1.75
CA GLY C 264 -0.89 -42.41 -1.57
C GLY C 264 -0.77 -42.86 -0.13
N GLY C 265 -0.87 -41.97 0.86
CA GLY C 265 -0.78 -42.47 2.22
C GLY C 265 -0.69 -41.34 3.23
N VAL C 266 -0.47 -41.78 4.46
CA VAL C 266 -0.42 -40.90 5.61
C VAL C 266 0.83 -41.24 6.41
N LEU C 267 1.58 -40.23 6.80
CA LEU C 267 2.68 -40.40 7.75
C LEU C 267 2.10 -40.46 9.15
N ASN C 268 2.42 -41.53 9.87
CA ASN C 268 2.01 -41.72 11.27
C ASN C 268 3.25 -41.46 12.12
N LEU C 269 3.19 -40.41 12.95
CA LEU C 269 4.32 -39.97 13.75
C LEU C 269 4.15 -40.27 15.24
N LYS C 270 3.22 -41.16 15.60
CA LYS C 270 3.00 -41.50 16.99
C LYS C 270 4.25 -42.09 17.64
N GLY C 271 5.08 -42.76 16.84
CA GLY C 271 6.25 -43.45 17.34
C GLY C 271 7.55 -42.70 17.13
N CYS C 272 7.46 -41.40 16.88
N CYS C 272 7.51 -41.44 16.71
CA CYS C 272 8.65 -40.66 16.55
CA CYS C 272 8.75 -40.76 16.36
C CYS C 272 9.43 -40.23 17.77
C CYS C 272 9.39 -40.12 17.60
N THR C 273 10.72 -40.00 17.55
CA THR C 273 11.52 -39.30 18.53
C THR C 273 12.50 -38.37 17.82
N PHE C 274 12.81 -37.26 18.49
CA PHE C 274 13.79 -36.29 18.03
C PHE C 274 14.90 -36.25 19.06
N LYS C 275 16.15 -36.39 18.62
CA LYS C 275 17.26 -36.47 19.57
C LYS C 275 18.45 -35.66 19.06
N ALA C 276 18.94 -34.77 19.91
CA ALA C 276 20.13 -34.00 19.56
C ALA C 276 21.32 -34.93 19.42
N VAL C 277 22.10 -34.71 18.35
CA VAL C 277 23.31 -35.48 18.09
C VAL C 277 24.40 -34.54 17.59
N ASN C 278 25.63 -35.02 17.69
CA ASN C 278 26.82 -34.29 17.23
C ASN C 278 26.76 -32.88 17.79
N GLU C 279 27.03 -31.87 16.99
CA GLU C 279 27.04 -30.48 17.41
C GLU C 279 26.07 -29.75 16.50
N GLY C 280 24.91 -29.36 17.04
CA GLY C 280 23.94 -28.61 16.24
C GLY C 280 23.19 -29.43 15.22
N GLU C 281 23.03 -30.74 15.47
CA GLU C 281 22.34 -31.67 14.58
C GLU C 281 21.28 -32.43 15.37
N VAL C 282 20.34 -33.01 14.66
CA VAL C 282 19.26 -33.77 15.25
C VAL C 282 19.06 -35.05 14.47
N TYR C 283 18.80 -36.13 15.20
CA TYR C 283 18.47 -37.42 14.64
C TYR C 283 16.99 -37.71 14.89
N VAL C 284 16.27 -38.05 13.82
CA VAL C 284 14.85 -38.34 13.89
C VAL C 284 14.65 -39.79 13.53
N SER C 285 13.83 -40.47 14.31
CA SER C 285 13.56 -41.88 14.06
C SER C 285 12.13 -42.21 14.42
N GLY C 286 11.66 -43.38 13.97
CA GLY C 286 10.37 -43.88 14.37
C GLY C 286 9.22 -43.54 13.47
N SER C 287 9.43 -42.74 12.42
CA SER C 287 8.37 -42.35 11.50
C SER C 287 7.91 -43.57 10.70
N ARG C 288 6.61 -43.61 10.38
CA ARG C 288 6.11 -44.69 9.56
C ARG C 288 5.02 -44.18 8.63
N HIS C 289 4.73 -44.96 7.61
CA HIS C 289 3.81 -44.58 6.55
C HIS C 289 2.74 -45.65 6.42
N GLU C 290 1.51 -45.22 6.22
CA GLU C 290 0.35 -46.08 5.98
C GLU C 290 -0.20 -45.76 4.60
N ALA C 291 -0.23 -46.74 3.72
CA ALA C 291 -0.82 -46.53 2.40
C ALA C 291 -2.32 -46.33 2.51
N THR C 292 -2.86 -45.50 1.64
CA THR C 292 -4.29 -45.25 1.54
C THR C 292 -4.69 -45.32 0.08
N PRO C 293 -5.98 -45.48 -0.20
CA PRO C 293 -6.44 -45.40 -1.60
C PRO C 293 -5.96 -44.09 -2.20
N TYR C 294 -5.43 -44.17 -3.41
CA TYR C 294 -4.69 -43.04 -3.97
C TYR C 294 -5.65 -41.94 -4.43
N ALA C 295 -5.44 -40.73 -3.91
CA ALA C 295 -6.22 -39.56 -4.25
C ALA C 295 -5.27 -38.39 -4.35
N LEU C 296 -5.67 -37.40 -5.15
CA LEU C 296 -4.87 -36.21 -5.39
C LEU C 296 -5.64 -34.97 -4.95
N LYS C 297 -4.93 -33.99 -4.39
CA LYS C 297 -5.56 -32.72 -4.06
C LYS C 297 -5.51 -31.77 -5.25
N LEU C 298 -6.68 -31.26 -5.62
CA LEU C 298 -6.83 -30.25 -6.65
C LEU C 298 -6.89 -28.86 -6.03
N GLU C 299 -6.33 -27.90 -6.76
CA GLU C 299 -6.36 -26.48 -6.43
C GLU C 299 -6.86 -25.72 -7.63
N GLY C 300 -7.64 -24.68 -7.36
CA GLY C 300 -8.13 -23.78 -8.41
C GLY C 300 -8.60 -22.50 -7.80
N ALA C 301 -8.62 -21.44 -8.62
CA ALA C 301 -9.09 -20.12 -8.21
C ALA C 301 -9.94 -19.50 -9.32
N ARG C 302 -10.74 -18.52 -8.92
CA ARG C 302 -11.62 -17.80 -9.86
C ARG C 302 -11.51 -16.29 -9.63
N ARG C 303 -11.72 -15.53 -10.70
CA ARG C 303 -11.68 -14.08 -10.62
C ARG C 303 -12.98 -13.56 -10.00
N VAL C 304 -12.86 -12.62 -9.07
CA VAL C 304 -14.01 -12.08 -8.37
C VAL C 304 -14.20 -10.58 -8.57
N GLY C 305 -13.28 -9.90 -9.22
CA GLY C 305 -13.41 -8.47 -9.42
C GLY C 305 -12.04 -7.85 -9.66
N PHE C 306 -11.98 -6.52 -9.47
CA PHE C 306 -10.78 -5.73 -9.69
C PHE C 306 -10.62 -4.80 -8.51
N ARG C 307 -9.37 -4.53 -8.13
CA ARG C 307 -9.05 -3.78 -6.93
C ARG C 307 -8.34 -2.47 -7.24
N CYS C 308 -8.69 -1.44 -6.48
CA CYS C 308 -7.94 -0.21 -6.43
C CYS C 308 -7.75 0.10 -4.96
N LEU C 309 -6.58 0.57 -4.58
CA LEU C 309 -6.28 0.79 -3.16
C LEU C 309 -5.51 2.10 -2.95
N THR C 310 -5.54 2.56 -1.71
CA THR C 310 -4.70 3.68 -1.31
C THR C 310 -4.25 3.44 0.13
N ILE C 311 -3.13 4.03 0.48
N ILE C 311 -3.11 4.01 0.49
CA ILE C 311 -2.56 3.96 1.82
CA ILE C 311 -2.58 3.94 1.84
C ILE C 311 -2.16 5.36 2.25
C ILE C 311 -2.16 5.35 2.26
N ALA C 312 -2.49 5.71 3.49
CA ALA C 312 -2.09 6.99 4.03
C ALA C 312 -2.10 6.89 5.55
N GLY C 313 -1.27 7.70 6.19
CA GLY C 313 -1.26 7.70 7.64
C GLY C 313 -2.07 8.87 8.21
N THR C 314 -2.43 8.74 9.48
CA THR C 314 -2.91 9.87 10.23
C THR C 314 -2.19 9.92 11.56
N ARG C 315 -1.90 11.13 12.02
CA ARG C 315 -1.18 11.35 13.28
C ARG C 315 -2.05 12.16 14.24
N ASP C 316 -3.30 12.44 13.91
CA ASP C 316 -4.10 13.31 14.76
C ASP C 316 -4.89 12.50 15.77
N PRO C 317 -4.81 12.81 17.06
CA PRO C 317 -5.48 11.98 18.07
C PRO C 317 -7.00 12.04 18.02
N ILE C 318 -7.57 13.17 17.59
CA ILE C 318 -9.02 13.26 17.50
C ILE C 318 -9.51 12.41 16.34
N MET C 319 -8.84 12.50 15.20
CA MET C 319 -9.21 11.65 14.06
C MET C 319 -9.07 10.18 14.40
N ILE C 320 -7.99 9.81 15.08
CA ILE C 320 -7.75 8.40 15.41
C ILE C 320 -8.85 7.91 16.34
N ALA C 321 -9.16 8.67 17.39
CA ALA C 321 -10.18 8.24 18.34
C ALA C 321 -11.53 8.04 17.66
N GLY C 322 -11.86 8.90 16.69
CA GLY C 322 -13.15 8.83 16.02
C GLY C 322 -13.15 8.10 14.68
N ILE C 323 -12.10 7.32 14.40
CA ILE C 323 -11.88 6.87 13.02
C ILE C 323 -13.01 5.97 12.52
N ASP C 324 -13.52 5.06 13.37
CA ASP C 324 -14.51 4.12 12.85
C ASP C 324 -15.74 4.84 12.32
N ASN C 325 -16.23 5.82 13.08
CA ASN C 325 -17.38 6.59 12.64
C ASN C 325 -17.05 7.48 11.44
N ILE C 326 -15.86 8.08 11.43
CA ILE C 326 -15.45 8.89 10.28
C ILE C 326 -15.52 8.05 9.02
N LEU C 327 -14.99 6.82 9.07
CA LEU C 327 -14.97 6.02 7.85
C LEU C 327 -16.39 5.69 7.38
N GLU C 328 -17.30 5.44 8.31
CA GLU C 328 -18.69 5.17 7.93
C GLU C 328 -19.31 6.41 7.26
N GLU C 329 -19.05 7.59 7.83
CA GLU C 329 -19.61 8.82 7.27
C GLU C 329 -19.05 9.09 5.88
N VAL C 330 -17.76 8.82 5.67
CA VAL C 330 -17.17 9.01 4.35
C VAL C 330 -17.80 8.06 3.34
N GLN C 331 -18.02 6.81 3.76
CA GLN C 331 -18.65 5.85 2.85
C GLN C 331 -20.04 6.33 2.45
N THR C 332 -20.81 6.83 3.42
CA THR C 332 -22.16 7.29 3.11
C THR C 332 -22.12 8.45 2.14
N SER C 333 -21.18 9.37 2.35
CA SER C 333 -21.04 10.53 1.49
C SER C 333 -20.72 10.12 0.06
N VAL C 334 -19.79 9.18 -0.10
CA VAL C 334 -19.37 8.76 -1.43
C VAL C 334 -20.52 8.06 -2.15
N ALA C 335 -21.25 7.21 -1.42
CA ALA C 335 -22.36 6.49 -2.04
C ALA C 335 -23.43 7.45 -2.53
N ARG C 336 -23.68 8.52 -1.78
CA ARG C 336 -24.64 9.53 -2.21
C ARG C 336 -24.11 10.31 -3.42
N ASN C 337 -22.84 10.68 -3.41
CA ASN C 337 -22.28 11.52 -4.47
C ASN C 337 -22.22 10.76 -5.80
N LEU C 338 -21.79 9.50 -5.78
CA LEU C 338 -21.68 8.70 -6.99
C LEU C 338 -22.93 7.90 -7.29
N SER C 339 -23.98 8.04 -6.48
CA SER C 339 -25.22 7.30 -6.66
C SER C 339 -24.95 5.80 -6.76
N LEU C 340 -24.18 5.29 -5.79
CA LEU C 340 -23.77 3.90 -5.77
C LEU C 340 -24.92 3.01 -5.31
N ASN C 341 -25.24 2.01 -6.12
CA ASN C 341 -26.26 1.05 -5.74
C ASN C 341 -25.91 -0.33 -6.27
N ASP C 342 -24.64 -0.73 -6.14
CA ASP C 342 -24.24 -2.09 -6.47
C ASP C 342 -23.71 -2.77 -5.22
N ASP C 343 -24.45 -3.77 -4.74
CA ASP C 343 -23.95 -4.58 -3.64
C ASP C 343 -22.72 -5.39 -4.02
N SER C 344 -22.24 -5.31 -5.26
CA SER C 344 -21.01 -5.97 -5.66
C SER C 344 -19.78 -5.07 -5.54
N ILE C 345 -19.92 -3.88 -4.97
CA ILE C 345 -18.78 -3.06 -4.58
C ILE C 345 -18.45 -3.37 -3.12
N ARG C 346 -17.20 -3.73 -2.85
CA ARG C 346 -16.75 -4.03 -1.49
C ARG C 346 -15.59 -3.13 -1.09
N MET C 347 -15.80 -2.34 -0.05
N MET C 347 -15.79 -2.36 -0.04
CA MET C 347 -14.79 -1.44 0.49
CA MET C 347 -14.78 -1.46 0.48
C MET C 347 -14.27 -2.06 1.78
C MET C 347 -14.27 -2.05 1.77
N THR C 348 -12.95 -2.21 1.87
CA THR C 348 -12.30 -2.78 3.05
C THR C 348 -11.25 -1.80 3.59
N PHE C 349 -11.27 -1.61 4.89
CA PHE C 349 -10.25 -0.81 5.55
C PHE C 349 -9.39 -1.68 6.45
N HIS C 350 -8.10 -1.40 6.48
CA HIS C 350 -7.19 -1.95 7.48
C HIS C 350 -6.59 -0.78 8.25
N LEU C 351 -6.74 -0.80 9.55
CA LEU C 351 -6.26 0.30 10.40
C LEU C 351 -5.02 -0.19 11.15
N TYR C 352 -3.86 -0.02 10.52
CA TYR C 352 -2.62 -0.52 11.07
C TYR C 352 -2.22 0.33 12.24
N GLY C 353 -1.96 -0.32 13.36
CA GLY C 353 -1.77 0.33 14.63
C GLY C 353 -2.94 0.14 15.55
N LYS C 354 -4.01 -0.51 15.10
N LYS C 354 -4.07 -0.37 15.04
CA LYS C 354 -5.14 -0.80 15.96
CA LYS C 354 -5.18 -0.77 15.89
C LYS C 354 -5.65 -2.23 15.77
C LYS C 354 -5.50 -2.24 15.69
N ASN C 355 -6.09 -2.60 14.56
CA ASN C 355 -6.61 -3.94 14.35
C ASN C 355 -6.42 -4.39 12.90
N GLY C 356 -5.36 -3.90 12.24
CA GLY C 356 -5.12 -4.24 10.86
C GLY C 356 -4.80 -5.71 10.62
N VAL C 357 -4.13 -6.35 11.58
CA VAL C 357 -3.68 -7.74 11.43
C VAL C 357 -4.74 -8.75 11.86
N MET C 358 -5.46 -8.51 12.97
CA MET C 358 -6.39 -9.46 13.53
C MET C 358 -7.85 -9.12 13.34
N GLY C 359 -8.19 -7.90 12.91
CA GLY C 359 -9.58 -7.60 12.68
C GLY C 359 -10.40 -7.73 13.95
N ASN C 360 -11.55 -8.39 13.85
CA ASN C 360 -12.45 -8.52 14.99
C ASN C 360 -11.88 -9.40 16.09
N HIS C 361 -10.79 -10.10 15.83
CA HIS C 361 -10.14 -10.93 16.85
C HIS C 361 -9.01 -10.21 17.58
N GLU C 362 -8.78 -8.95 17.28
CA GLU C 362 -7.72 -8.22 17.94
C GLU C 362 -8.12 -7.96 19.40
N PRO C 363 -7.30 -8.32 20.38
CA PRO C 363 -7.71 -8.09 21.77
C PRO C 363 -7.61 -6.63 22.21
N MET C 364 -6.70 -5.86 21.63
CA MET C 364 -6.54 -4.46 22.03
C MET C 364 -7.56 -3.60 21.28
N LYS C 365 -8.28 -2.79 22.04
CA LYS C 365 -9.38 -2.02 21.48
C LYS C 365 -9.04 -0.57 21.16
N THR C 366 -7.83 -0.11 21.47
CA THR C 366 -7.44 1.28 21.29
C THR C 366 -6.17 1.35 20.45
N ALA C 367 -6.10 2.36 19.60
CA ALA C 367 -4.90 2.68 18.84
C ALA C 367 -3.91 3.43 19.74
N GLY C 368 -2.71 3.59 19.23
CA GLY C 368 -1.70 4.49 19.78
C GLY C 368 -1.75 5.84 19.11
N HIS C 369 -0.57 6.38 18.85
CA HIS C 369 -0.45 7.75 18.36
C HIS C 369 -0.57 7.88 16.84
N GLU C 370 -0.53 6.77 16.09
CA GLU C 370 -0.57 6.85 14.63
C GLU C 370 -1.32 5.66 14.07
N LEU C 371 -2.03 5.89 12.97
CA LEU C 371 -2.63 4.81 12.20
C LEU C 371 -2.14 4.84 10.76
N GLY C 372 -1.94 3.68 10.17
CA GLY C 372 -1.85 3.55 8.73
C GLY C 372 -3.18 3.09 8.19
N ILE C 373 -3.81 3.94 7.37
CA ILE C 373 -5.14 3.63 6.86
C ILE C 373 -4.95 3.07 5.46
N LEU C 374 -5.18 1.77 5.32
CA LEU C 374 -5.17 1.12 4.01
C LEU C 374 -6.61 0.91 3.57
N LEU C 375 -6.99 1.47 2.42
CA LEU C 375 -8.31 1.27 1.87
C LEU C 375 -8.18 0.48 0.57
N ASP C 376 -9.06 -0.50 0.37
CA ASP C 376 -9.12 -1.15 -0.94
C ASP C 376 -10.57 -1.32 -1.33
N VAL C 377 -10.85 -1.12 -2.62
CA VAL C 377 -12.17 -1.33 -3.17
C VAL C 377 -12.06 -2.43 -4.20
N VAL C 378 -12.92 -3.43 -4.10
CA VAL C 378 -13.03 -4.45 -5.12
C VAL C 378 -14.38 -4.32 -5.79
N ALA C 379 -14.39 -4.26 -7.11
CA ALA C 379 -15.63 -4.02 -7.82
C ALA C 379 -15.65 -4.84 -9.10
N PRO C 380 -16.78 -4.89 -9.82
CA PRO C 380 -16.83 -5.73 -11.03
C PRO C 380 -15.95 -5.23 -12.16
N THR C 381 -15.59 -3.95 -12.19
CA THR C 381 -14.67 -3.44 -13.19
C THR C 381 -13.62 -2.59 -12.51
N GLN C 382 -12.46 -2.50 -13.14
CA GLN C 382 -11.41 -1.63 -12.63
C GLN C 382 -11.86 -0.19 -12.56
N ASP C 383 -12.61 0.28 -13.57
CA ASP C 383 -13.06 1.66 -13.56
C ASP C 383 -13.91 1.95 -12.34
N ILE C 384 -14.82 1.05 -11.99
CA ILE C 384 -15.65 1.29 -10.82
C ILE C 384 -14.81 1.28 -9.56
N ALA C 385 -13.91 0.31 -9.42
CA ALA C 385 -13.03 0.31 -8.25
C ALA C 385 -12.26 1.62 -8.13
N ASN C 386 -11.71 2.08 -9.26
CA ASN C 386 -10.92 3.30 -9.25
C ASN C 386 -11.76 4.48 -8.81
N SER C 387 -13.00 4.56 -9.31
CA SER C 387 -13.83 5.72 -9.01
C SER C 387 -14.18 5.78 -7.53
N VAL C 388 -14.57 4.64 -6.97
CA VAL C 388 -14.92 4.60 -5.57
C VAL C 388 -13.70 4.88 -4.71
N CYS C 389 -12.58 4.25 -5.01
CA CYS C 389 -11.37 4.50 -4.23
C CYS C 389 -11.00 5.97 -4.25
N SER C 390 -11.05 6.59 -5.43
CA SER C 390 -10.66 7.99 -5.57
C SER C 390 -11.55 8.89 -4.72
N LEU C 391 -12.87 8.66 -4.77
CA LEU C 391 -13.79 9.53 -4.03
C LEU C 391 -13.69 9.27 -2.55
N VAL C 392 -13.48 8.03 -2.14
CA VAL C 392 -13.25 7.79 -0.71
C VAL C 392 -11.99 8.52 -0.24
N ARG C 393 -10.93 8.45 -1.06
CA ARG C 393 -9.66 9.09 -0.72
C ARG C 393 -9.82 10.62 -0.57
N SER C 394 -10.41 11.29 -1.56
CA SER C 394 -10.53 12.74 -1.47
C SER C 394 -11.53 13.16 -0.40
N THR C 395 -12.59 12.37 -0.19
CA THR C 395 -13.56 12.69 0.84
C THR C 395 -12.93 12.55 2.22
N LEU C 396 -12.22 11.45 2.43
CA LEU C 396 -11.55 11.26 3.72
C LEU C 396 -10.49 12.33 3.97
N LEU C 397 -9.78 12.73 2.92
CA LEU C 397 -8.74 13.75 3.03
C LEU C 397 -9.27 15.03 3.66
N HIS C 398 -10.47 15.43 3.28
CA HIS C 398 -10.99 16.73 3.69
C HIS C 398 -12.24 16.63 4.56
N TYR C 399 -12.50 15.46 5.15
CA TYR C 399 -13.69 15.28 5.95
C TYR C 399 -13.60 16.08 7.25
N GLY C 400 -14.64 16.86 7.53
CA GLY C 400 -14.69 17.71 8.70
C GLY C 400 -15.25 16.97 9.90
N TYR C 401 -14.42 16.12 10.53
CA TYR C 401 -14.88 15.31 11.64
C TYR C 401 -15.05 16.17 12.89
N GLU C 402 -15.86 15.67 13.82
CA GLU C 402 -16.19 16.46 14.98
C GLU C 402 -14.93 16.83 15.77
N ASN C 403 -14.86 18.09 16.18
CA ASN C 403 -13.78 18.61 17.01
C ASN C 403 -12.46 18.71 16.27
N ARG C 404 -12.46 18.59 14.95
CA ARG C 404 -11.21 18.69 14.21
C ARG C 404 -10.52 20.03 14.43
N ILE C 405 -9.21 20.01 14.67
CA ILE C 405 -8.37 21.19 14.70
C ILE C 405 -7.36 21.22 13.57
N ALA C 406 -7.03 20.07 12.97
CA ALA C 406 -6.05 20.02 11.87
C ALA C 406 -6.84 20.09 10.56
N THR C 407 -7.22 21.31 10.18
CA THR C 407 -8.31 21.50 9.22
C THR C 407 -7.86 21.64 7.77
N ALA C 408 -6.59 21.48 7.46
CA ALA C 408 -6.13 21.59 6.08
C ALA C 408 -6.07 20.25 5.35
N GLY C 409 -6.34 19.16 6.04
CA GLY C 409 -6.28 17.85 5.43
C GLY C 409 -5.97 16.81 6.48
N ASN C 410 -6.39 15.57 6.22
CA ASN C 410 -6.46 14.53 7.24
C ASN C 410 -5.50 13.37 7.04
N LEU C 411 -4.75 13.32 5.93
CA LEU C 411 -4.05 12.12 5.52
C LEU C 411 -2.65 12.43 5.00
N ALA C 412 -1.69 11.58 5.39
CA ALA C 412 -0.31 11.63 4.93
C ALA C 412 -0.08 10.51 3.94
N PHE C 413 -0.11 10.84 2.65
CA PHE C 413 0.16 9.87 1.62
C PHE C 413 1.66 9.74 1.41
N PRO C 414 2.19 8.51 1.33
CA PRO C 414 3.61 8.33 1.03
C PRO C 414 3.94 8.49 -0.45
N PHE C 415 2.96 8.35 -1.34
CA PHE C 415 3.27 8.25 -2.76
C PHE C 415 2.47 9.24 -3.59
N SER C 416 3.04 9.61 -4.72
CA SER C 416 2.33 10.22 -5.84
C SER C 416 2.49 9.22 -6.98
N PRO C 417 1.41 8.66 -7.51
CA PRO C 417 0.01 8.95 -7.20
C PRO C 417 -0.43 8.30 -5.91
N SER C 418 -1.53 8.74 -5.34
CA SER C 418 -2.00 8.16 -4.08
C SER C 418 -2.71 6.84 -4.28
N ASP C 419 -3.38 6.66 -5.42
CA ASP C 419 -4.18 5.46 -5.65
C ASP C 419 -3.38 4.49 -6.50
N ILE C 420 -3.56 3.22 -6.20
CA ILE C 420 -2.78 2.13 -6.78
C ILE C 420 -3.78 1.14 -7.37
N GLN C 421 -3.76 1.00 -8.70
CA GLN C 421 -4.63 0.06 -9.38
C GLN C 421 -3.94 -1.31 -9.36
N SER C 422 -4.46 -2.22 -8.54
CA SER C 422 -3.78 -3.48 -8.38
C SER C 422 -4.35 -4.59 -9.26
N GLY C 423 -5.52 -4.38 -9.85
CA GLY C 423 -6.02 -5.21 -10.92
C GLY C 423 -6.87 -6.37 -10.46
N PRO C 424 -6.85 -7.44 -11.24
CA PRO C 424 -7.75 -8.58 -10.97
C PRO C 424 -7.53 -9.20 -9.61
N VAL C 425 -8.64 -9.58 -8.97
CA VAL C 425 -8.64 -10.26 -7.69
C VAL C 425 -9.22 -11.65 -7.87
N TYR C 426 -8.54 -12.65 -7.30
CA TYR C 426 -8.96 -14.04 -7.36
C TYR C 426 -9.29 -14.53 -5.97
N GLU C 427 -10.14 -15.56 -5.90
CA GLU C 427 -10.39 -16.30 -4.67
C GLU C 427 -10.31 -17.80 -4.95
N PHE C 428 -9.91 -18.56 -3.94
CA PHE C 428 -9.86 -20.02 -4.13
C PHE C 428 -11.24 -20.55 -4.45
N SER C 429 -11.31 -21.48 -5.41
CA SER C 429 -12.56 -22.13 -5.79
C SER C 429 -12.50 -23.65 -5.73
N ILE C 430 -11.33 -24.25 -5.75
CA ILE C 430 -11.17 -25.70 -5.65
C ILE C 430 -10.05 -25.99 -4.64
N TYR C 431 -10.34 -26.90 -3.72
CA TYR C 431 -9.39 -27.32 -2.68
C TYR C 431 -9.93 -28.67 -2.21
N HIS C 432 -9.90 -29.66 -3.12
CA HIS C 432 -10.69 -30.89 -2.99
C HIS C 432 -9.86 -32.08 -3.44
N LEU C 433 -10.15 -33.24 -2.87
CA LEU C 433 -9.50 -34.47 -3.29
C LEU C 433 -10.27 -35.11 -4.42
N ILE C 434 -9.53 -35.73 -5.35
CA ILE C 434 -10.09 -36.50 -6.45
C ILE C 434 -9.46 -37.88 -6.43
N GLU C 435 -10.28 -38.92 -6.56
N GLU C 435 -10.28 -38.92 -6.56
CA GLU C 435 -9.77 -40.28 -6.67
CA GLU C 435 -9.74 -40.26 -6.65
C GLU C 435 -8.86 -40.38 -7.89
C GLU C 435 -8.85 -40.37 -7.88
N ALA C 436 -7.72 -41.04 -7.72
CA ALA C 436 -6.82 -41.24 -8.84
C ALA C 436 -7.52 -42.05 -9.93
N SER C 437 -7.13 -41.80 -11.17
CA SER C 437 -7.64 -42.53 -12.32
C SER C 437 -6.56 -42.46 -13.40
N ASP C 438 -6.75 -43.25 -14.46
CA ASP C 438 -5.79 -43.21 -15.56
C ASP C 438 -5.70 -41.82 -16.16
N ALA C 439 -6.83 -41.10 -16.25
CA ALA C 439 -6.82 -39.77 -16.85
C ALA C 439 -6.00 -38.78 -16.05
N LEU C 440 -5.76 -39.07 -14.77
CA LEU C 440 -5.01 -38.18 -13.89
C LEU C 440 -3.54 -38.56 -13.76
N ARG C 441 -3.07 -39.55 -14.52
CA ARG C 441 -1.67 -39.91 -14.48
C ARG C 441 -0.82 -38.71 -14.88
N PHE C 442 0.32 -38.53 -14.19
CA PHE C 442 1.24 -37.43 -14.46
C PHE C 442 2.41 -37.96 -15.31
N ASP C 443 2.45 -37.61 -16.57
N ASP C 443 2.41 -37.67 -16.61
CA ASP C 443 3.45 -38.13 -17.49
CA ASP C 443 3.47 -38.18 -17.47
C ASP C 443 4.58 -37.12 -17.69
C ASP C 443 4.58 -37.15 -17.62
N PHE C 444 5.81 -37.64 -17.75
CA PHE C 444 6.98 -36.79 -17.93
C PHE C 444 7.38 -36.70 -19.41
N HIS C 445 8.04 -35.61 -19.76
CA HIS C 445 8.71 -35.49 -21.05
C HIS C 445 10.12 -35.02 -20.78
N ILE C 446 11.10 -35.68 -21.38
CA ILE C 446 12.50 -35.29 -21.24
C ILE C 446 12.93 -34.54 -22.49
N GLU C 447 13.59 -33.41 -22.28
CA GLU C 447 14.22 -32.68 -23.36
C GLU C 447 15.72 -32.56 -23.06
N GLN C 448 16.52 -32.54 -24.13
CA GLN C 448 17.96 -32.37 -24.01
C GLN C 448 18.28 -30.88 -24.09
N VAL C 449 18.66 -30.31 -22.97
CA VAL C 449 19.00 -28.89 -22.89
C VAL C 449 20.48 -28.76 -23.25
N THR C 450 20.81 -27.81 -24.11
CA THR C 450 22.16 -27.57 -24.57
C THR C 450 22.46 -26.09 -24.49
N PRO C 451 23.71 -25.70 -24.74
CA PRO C 451 24.07 -24.28 -24.70
C PRO C 451 23.41 -23.46 -25.79
N GLU C 452 22.84 -24.09 -26.80
CA GLU C 452 22.21 -23.41 -27.92
C GLU C 452 20.70 -23.64 -27.94
N GLY C 453 20.14 -24.15 -26.84
CA GLY C 453 18.72 -24.47 -26.73
C GLY C 453 18.47 -25.96 -26.64
N VAL C 454 17.20 -26.34 -26.77
CA VAL C 454 16.83 -27.75 -26.75
C VAL C 454 17.25 -28.39 -28.07
N GLN C 455 17.90 -29.55 -27.99
CA GLN C 455 18.25 -30.31 -29.18
C GLN C 455 17.49 -31.63 -29.17
N ALA C 456 16.95 -32.02 -30.33
CA ALA C 456 16.26 -33.30 -30.46
C ALA C 456 17.23 -34.24 -31.16
N MET D 1 0.35 -20.66 42.16
CA MET D 1 1.49 -19.86 41.65
C MET D 1 1.25 -19.58 40.17
N LYS D 2 1.07 -18.32 39.81
CA LYS D 2 0.93 -17.96 38.40
C LYS D 2 2.26 -18.09 37.67
N GLN D 3 2.20 -18.66 36.47
CA GLN D 3 3.39 -18.84 35.64
C GLN D 3 2.97 -18.60 34.19
N SER D 4 3.66 -17.68 33.53
CA SER D 4 3.26 -17.33 32.17
C SER D 4 3.65 -18.42 31.18
N LEU D 5 2.82 -18.56 30.14
CA LEU D 5 3.16 -19.39 29.02
C LEU D 5 4.45 -18.92 28.35
N CYS D 6 4.63 -17.61 28.23
CA CYS D 6 5.82 -17.12 27.56
C CYS D 6 7.08 -17.57 28.26
N SER D 7 7.05 -17.74 29.58
CA SER D 7 8.24 -18.17 30.28
C SER D 7 8.57 -19.64 30.03
N LEU D 8 7.63 -20.40 29.48
CA LEU D 8 7.81 -21.83 29.28
C LEU D 8 8.00 -22.22 27.82
N ALA D 9 7.56 -21.39 26.89
CA ALA D 9 7.44 -21.78 25.48
C ALA D 9 8.64 -21.28 24.68
N GLN D 10 9.24 -22.17 23.92
CA GLN D 10 10.23 -21.77 22.93
C GLN D 10 9.58 -21.21 21.68
N VAL D 11 8.39 -21.71 21.34
CA VAL D 11 7.69 -21.32 20.12
C VAL D 11 6.24 -21.08 20.48
N ILE D 12 5.71 -19.93 20.02
CA ILE D 12 4.29 -19.59 20.11
C ILE D 12 3.98 -18.89 18.79
N ARG D 13 3.19 -19.53 17.92
CA ARG D 13 3.09 -19.03 16.56
C ARG D 13 1.78 -19.46 15.91
N SER D 14 1.45 -18.77 14.81
CA SER D 14 0.34 -19.18 13.96
C SER D 14 0.85 -19.40 12.53
N LYS D 15 0.09 -20.21 11.79
CA LYS D 15 0.26 -20.29 10.33
C LYS D 15 -0.99 -20.93 9.76
N ASN D 16 -1.20 -20.72 8.46
CA ASN D 16 -2.22 -21.50 7.78
C ASN D 16 -1.88 -22.98 7.83
N ALA D 17 -2.90 -23.80 7.76
CA ALA D 17 -2.76 -25.21 7.34
C ALA D 17 -3.67 -25.36 6.13
N GLY D 18 -3.17 -24.92 4.99
CA GLY D 18 -4.00 -24.66 3.84
C GLY D 18 -4.86 -23.41 3.98
N PRO D 19 -5.61 -23.06 2.93
CA PRO D 19 -6.31 -21.77 2.91
C PRO D 19 -7.48 -21.66 3.87
N TYR D 20 -7.96 -22.77 4.43
CA TYR D 20 -9.21 -22.82 5.17
C TYR D 20 -9.02 -22.99 6.67
N GLU D 21 -7.78 -23.18 7.14
CA GLU D 21 -7.55 -23.51 8.54
C GLU D 21 -6.40 -22.69 9.07
N LEU D 22 -6.52 -22.30 10.33
CA LEU D 22 -5.47 -21.62 11.07
C LEU D 22 -5.01 -22.55 12.19
N VAL D 23 -3.70 -22.74 12.30
CA VAL D 23 -3.13 -23.56 13.38
C VAL D 23 -2.21 -22.71 14.22
N LEU D 24 -2.30 -22.91 15.53
CA LEU D 24 -1.44 -22.28 16.51
C LEU D 24 -0.57 -23.35 17.14
N ASP D 25 0.73 -23.16 17.12
CA ASP D 25 1.67 -24.13 17.66
C ASP D 25 2.33 -23.53 18.88
N ILE D 26 2.36 -24.32 19.95
CA ILE D 26 3.09 -23.98 21.16
C ILE D 26 4.05 -25.13 21.42
N LEU D 27 5.35 -24.85 21.43
CA LEU D 27 6.34 -25.87 21.76
C LEU D 27 7.10 -25.44 23.00
N PHE D 28 7.21 -26.37 23.95
CA PHE D 28 7.84 -26.10 25.23
C PHE D 28 9.31 -26.41 25.20
N LYS D 29 10.06 -25.64 25.99
CA LYS D 29 11.49 -25.88 26.08
C LYS D 29 11.77 -27.26 26.68
N THR D 30 10.97 -27.69 27.66
CA THR D 30 11.22 -28.96 28.32
C THR D 30 9.99 -29.86 28.33
N ARG D 31 10.24 -31.17 28.32
N ARG D 31 10.24 -31.17 28.32
CA ARG D 31 9.15 -32.12 28.51
CA ARG D 31 9.17 -32.15 28.51
C ARG D 31 8.50 -31.94 29.87
C ARG D 31 8.51 -31.97 29.87
N GLU D 32 9.30 -31.66 30.90
CA GLU D 32 8.75 -31.43 32.23
C GLU D 32 7.65 -30.37 32.20
N ASP D 33 7.92 -29.25 31.54
CA ASP D 33 6.97 -28.15 31.54
C ASP D 33 5.76 -28.49 30.68
N TYR D 34 6.00 -29.11 29.52
CA TYR D 34 4.91 -29.55 28.66
C TYR D 34 3.95 -30.44 29.43
N GLN D 35 4.50 -31.43 30.14
CA GLN D 35 3.65 -32.36 30.86
C GLN D 35 2.89 -31.67 31.99
N ARG D 36 3.55 -30.74 32.69
CA ARG D 36 2.85 -29.99 33.73
C ARG D 36 1.65 -29.25 33.15
N VAL D 37 1.86 -28.57 32.01
CA VAL D 37 0.76 -27.86 31.37
C VAL D 37 -0.32 -28.85 30.91
N LYS D 38 0.10 -29.93 30.26
CA LYS D 38 -0.88 -30.89 29.75
C LYS D 38 -1.74 -31.46 30.87
N ARG D 39 -1.09 -31.94 31.93
CA ARG D 39 -1.79 -32.60 33.01
C ARG D 39 -2.63 -31.60 33.83
N SER D 40 -2.34 -30.31 33.73
CA SER D 40 -3.11 -29.34 34.48
C SER D 40 -4.52 -29.16 33.94
N GLU D 41 -4.74 -29.49 32.67
CA GLU D 41 -6.03 -29.32 32.00
C GLU D 41 -6.46 -27.86 31.95
N GLN D 42 -5.53 -26.92 32.08
CA GLN D 42 -5.87 -25.51 32.02
C GLN D 42 -5.90 -24.91 30.61
N LEU D 43 -5.29 -25.55 29.61
N LEU D 43 -5.29 -25.55 29.62
CA LEU D 43 -5.31 -25.01 28.24
CA LEU D 43 -5.30 -25.04 28.25
C LEU D 43 -6.51 -25.61 27.53
C LEU D 43 -6.52 -25.63 27.56
N THR D 44 -7.67 -24.96 27.73
CA THR D 44 -8.94 -25.46 27.28
C THR D 44 -9.46 -24.72 26.06
N PRO D 45 -10.41 -25.33 25.32
CA PRO D 45 -11.06 -24.59 24.24
C PRO D 45 -11.70 -23.29 24.73
N GLN D 46 -12.28 -23.30 25.93
CA GLN D 46 -12.92 -22.09 26.45
C GLN D 46 -11.91 -20.98 26.68
N LEU D 47 -10.73 -21.32 27.19
CA LEU D 47 -9.69 -20.31 27.36
C LEU D 47 -9.32 -19.70 26.01
N ILE D 48 -9.01 -20.55 25.04
CA ILE D 48 -8.56 -20.05 23.74
C ILE D 48 -9.67 -19.24 23.09
N ALA D 49 -10.90 -19.73 23.15
CA ALA D 49 -12.01 -19.04 22.51
C ALA D 49 -12.17 -17.63 23.07
N GLY D 50 -12.07 -17.49 24.39
CA GLY D 50 -12.17 -16.17 24.99
C GLY D 50 -11.07 -15.24 24.54
N LEU D 51 -9.84 -15.77 24.44
CA LEU D 51 -8.73 -14.93 24.02
C LEU D 51 -8.88 -14.44 22.58
N TYR D 52 -9.55 -15.23 21.73
CA TYR D 52 -9.67 -14.93 20.29
C TYR D 52 -11.02 -14.31 19.92
N ASN D 53 -11.91 -14.09 20.88
CA ASN D 53 -13.24 -13.58 20.59
C ASN D 53 -14.00 -14.49 19.61
N VAL D 54 -14.02 -15.79 19.91
CA VAL D 54 -14.83 -16.75 19.19
C VAL D 54 -15.57 -17.61 20.22
N LYS D 55 -16.59 -18.33 19.75
CA LYS D 55 -17.29 -19.27 20.62
C LYS D 55 -16.41 -20.50 20.87
N PRO D 56 -16.54 -21.15 22.03
CA PRO D 56 -15.71 -22.35 22.26
C PRO D 56 -15.84 -23.43 21.21
N ASP D 57 -17.04 -23.64 20.65
N ASP D 57 -17.04 -23.65 20.65
CA ASP D 57 -17.24 -24.64 19.62
CA ASP D 57 -17.21 -24.66 19.62
C ASP D 57 -16.53 -24.31 18.31
C ASP D 57 -16.51 -24.32 18.33
N PHE D 58 -16.02 -23.07 18.16
CA PHE D 58 -15.23 -22.73 16.99
C PHE D 58 -13.85 -23.40 17.01
N ILE D 59 -13.32 -23.69 18.19
CA ILE D 59 -12.06 -24.41 18.29
C ILE D 59 -12.31 -25.82 17.81
N HIS D 60 -11.60 -26.23 16.78
CA HIS D 60 -11.84 -27.55 16.21
C HIS D 60 -11.14 -28.64 17.01
N ARG D 61 -9.84 -28.48 17.27
CA ARG D 61 -9.09 -29.47 18.04
C ARG D 61 -7.96 -28.80 18.80
N ILE D 62 -7.62 -29.39 19.94
CA ILE D 62 -6.38 -29.10 20.65
C ILE D 62 -5.65 -30.43 20.74
N ILE D 63 -4.48 -30.50 20.12
CA ILE D 63 -3.75 -31.75 19.93
C ILE D 63 -2.46 -31.69 20.72
N TRP D 64 -2.29 -32.64 21.62
CA TRP D 64 -1.12 -32.74 22.50
C TRP D 64 -0.18 -33.73 21.84
N PHE D 65 0.88 -33.22 21.22
CA PHE D 65 1.82 -34.00 20.42
C PHE D 65 3.05 -34.27 21.28
N ASP D 66 3.00 -35.39 22.00
CA ASP D 66 4.04 -35.71 22.98
C ASP D 66 5.44 -35.77 22.40
N PRO D 67 5.68 -36.33 21.21
CA PRO D 67 7.07 -36.40 20.70
C PRO D 67 7.74 -35.04 20.52
N ALA D 68 6.99 -33.95 20.37
CA ALA D 68 7.55 -32.61 20.19
C ALA D 68 7.43 -31.76 21.45
N ASN D 69 6.85 -32.29 22.53
CA ASN D 69 6.50 -31.47 23.69
C ASN D 69 5.74 -30.23 23.25
N ALA D 70 4.75 -30.46 22.40
CA ALA D 70 4.07 -29.38 21.70
C ALA D 70 2.57 -29.59 21.73
N VAL D 71 1.84 -28.49 21.69
CA VAL D 71 0.39 -28.53 21.55
C VAL D 71 0.02 -27.70 20.33
N LYS D 72 -0.92 -28.20 19.55
CA LYS D 72 -1.41 -27.49 18.37
C LYS D 72 -2.90 -27.23 18.53
N ILE D 73 -3.30 -25.97 18.35
CA ILE D 73 -4.69 -25.57 18.36
C ILE D 73 -5.12 -25.37 16.91
N VAL D 74 -6.24 -25.95 16.53
CA VAL D 74 -6.72 -25.89 15.16
C VAL D 74 -8.07 -25.22 15.14
N MET D 75 -8.24 -24.22 14.28
N MET D 75 -8.24 -24.21 14.30
CA MET D 75 -9.55 -23.65 14.07
CA MET D 75 -9.56 -23.62 14.10
C MET D 75 -9.73 -23.31 12.59
C MET D 75 -9.73 -23.28 12.62
N PRO D 76 -10.97 -23.20 12.15
CA PRO D 76 -11.18 -22.73 10.79
C PRO D 76 -10.79 -21.28 10.66
N ARG D 77 -10.35 -20.89 9.49
CA ARG D 77 -10.18 -19.46 9.14
C ARG D 77 -11.55 -18.90 8.85
N ASP D 78 -11.89 -17.82 9.56
CA ASP D 78 -13.19 -17.19 9.28
C ASP D 78 -13.17 -16.30 8.03
N ILE D 79 -11.99 -16.06 7.45
CA ILE D 79 -11.81 -15.49 6.13
C ILE D 79 -10.86 -16.43 5.40
N ILE D 80 -11.33 -17.04 4.32
N ILE D 80 -11.32 -17.03 4.31
CA ILE D 80 -10.47 -17.91 3.54
CA ILE D 80 -10.47 -17.93 3.54
C ILE D 80 -9.25 -17.12 3.09
C ILE D 80 -9.27 -17.15 3.04
N SER D 81 -8.09 -17.77 3.09
CA SER D 81 -6.86 -17.10 2.69
C SER D 81 -7.00 -16.44 1.32
N GLY D 82 -6.77 -15.12 1.26
CA GLY D 82 -6.85 -14.38 0.03
C GLY D 82 -8.22 -13.88 -0.34
N ASN D 83 -9.25 -14.24 0.41
CA ASN D 83 -10.57 -13.70 0.10
C ASN D 83 -10.58 -12.18 0.30
N VAL D 84 -11.48 -11.53 -0.42
CA VAL D 84 -11.68 -10.10 -0.19
C VAL D 84 -11.95 -9.88 1.29
N GLY D 85 -11.29 -8.89 1.86
CA GLY D 85 -11.44 -8.61 3.28
C GLY D 85 -10.44 -9.29 4.18
N ASP D 86 -9.54 -10.13 3.65
CA ASP D 86 -8.56 -10.81 4.48
C ASP D 86 -7.66 -9.80 5.17
N ASN D 87 -7.09 -10.24 6.31
CA ASN D 87 -6.08 -9.50 7.03
C ASN D 87 -4.71 -10.15 7.04
N ASP D 88 -4.62 -11.44 6.74
CA ASP D 88 -3.36 -12.16 6.95
C ASP D 88 -3.42 -13.38 6.03
N VAL D 89 -2.95 -13.21 4.81
CA VAL D 89 -3.15 -14.26 3.80
C VAL D 89 -2.43 -15.55 4.19
N TYR D 90 -1.23 -15.44 4.72
CA TYR D 90 -0.45 -16.63 5.11
C TYR D 90 -0.80 -17.14 6.50
N GLY D 91 -1.62 -16.42 7.24
CA GLY D 91 -2.00 -16.80 8.57
C GLY D 91 -0.90 -16.70 9.60
N ALA D 92 0.09 -15.83 9.38
CA ALA D 92 1.36 -15.87 10.07
C ALA D 92 1.46 -15.01 11.31
N GLN D 93 0.49 -14.16 11.61
CA GLN D 93 0.63 -13.21 12.72
C GLN D 93 -0.63 -13.16 13.58
N GLN D 94 -1.16 -14.34 13.91
CA GLN D 94 -2.38 -14.46 14.69
C GLN D 94 -2.14 -15.02 16.08
N HIS D 95 -0.89 -15.03 16.55
CA HIS D 95 -0.54 -15.68 17.81
C HIS D 95 -0.66 -14.79 19.03
N ALA D 96 -0.84 -13.48 18.88
CA ALA D 96 -0.60 -12.60 20.02
C ALA D 96 -1.51 -12.85 21.20
N PRO D 97 -2.79 -13.24 21.05
CA PRO D 97 -3.60 -13.49 22.25
C PRO D 97 -3.01 -14.56 23.16
N LEU D 98 -2.28 -15.52 22.60
CA LEU D 98 -1.70 -16.57 23.44
C LEU D 98 -0.63 -16.03 24.37
N LEU D 99 -0.02 -14.89 24.03
CA LEU D 99 1.05 -14.34 24.86
C LEU D 99 0.57 -13.87 26.21
N SER D 100 -0.74 -13.74 26.40
CA SER D 100 -1.26 -13.32 27.70
C SER D 100 -1.54 -14.48 28.64
N ILE D 101 -1.33 -15.72 28.21
CA ILE D 101 -1.76 -16.86 29.00
C ILE D 101 -0.90 -17.00 30.25
N GLU D 102 -1.55 -17.18 31.39
CA GLU D 102 -0.89 -17.51 32.64
C GLU D 102 -1.53 -18.76 33.22
N PHE D 103 -0.71 -19.71 33.64
CA PHE D 103 -1.21 -20.90 34.31
C PHE D 103 -1.13 -20.68 35.82
N ASP D 104 -1.85 -21.52 36.56
CA ASP D 104 -1.85 -21.47 38.02
C ASP D 104 -1.45 -22.85 38.50
N PHE D 105 -0.22 -22.97 39.00
CA PHE D 105 0.31 -24.27 39.41
C PHE D 105 0.61 -24.39 40.90
#